data_1GUU
# 
_entry.id   1GUU 
# 
_audit_conform.dict_name       mmcif_pdbx.dic 
_audit_conform.dict_version    5.382 
_audit_conform.dict_location   http://mmcif.pdb.org/dictionaries/ascii/mmcif_pdbx.dic 
# 
loop_
_database_2.database_id 
_database_2.database_code 
_database_2.pdbx_database_accession 
_database_2.pdbx_DOI 
PDB   1GUU         pdb_00001guu 10.2210/pdb1guu/pdb 
PDBE  EBI-9371     ?            ?                   
WWPDB D_1290009371 ?            ?                   
# 
loop_
_pdbx_database_related.db_name 
_pdbx_database_related.db_id 
_pdbx_database_related.content_type 
_pdbx_database_related.details 
PDB 1GV2 unspecified 'CRYSTAL STRUCTURE OF C-MYB R2R3' 
PDB 1GV5 unspecified 'CRYSTAL STRUCTURE OF C-MYB R2' 
PDB 1H88 unspecified 'CRYSTAL STRUCTURE OF TERNARY PROTEIN-DNA COMPLEX1' 
PDB 1H89 unspecified 'CRYSTAL STRUCTURE OF TERNARY PROTEIN-DNA COMPLEX2' 
PDB 1IDY unspecified 'STRUCTURE OF MYB TRANSFORMING PROTEIN, NMR, MINIMIZEDAVERAGE STRUCTURE' 
PDB 1IDZ unspecified 'STRUCTURE OF MYB TRANSFORMING PROTEIN, NMR, 20 STRUCTURES' 
PDB 1MBE unspecified 'MOUSE C-MYB DEOXYRIBONUCLEIC ACID-BINDING DOMAIN REPEAT 1' 
PDB 1MBF unspecified 'MOUSE C-MYB DEOXYRIBONUCLEIC ACID-BINDING DOMAIN REPEAT 1' 
PDB 1MBG unspecified 'MOUSE C-MYB DEOXYRIBONUCLEIC ACID-BINDING DOMAIN REPEAT 2' 
PDB 1MBH unspecified 'MOUSE C-MYB DEOXYRIBONUCLEIC ACID-BINDING DOMAIN REPEAT 2' 
PDB 1MBJ unspecified 'MOUSE C-MYB DEOXYRIBONUCLEIC ACID-BINDING DOMAIN REPEAT 3' 
PDB 1MBK unspecified 'MOUSE C-MYB DEOXYRIBONUCLEIC ACID-BINDING DOMAIN REPEAT 3' 
PDB 1MSE unspecified 
'C-MYB DEOXYRIBONUCLEIC ACID-BINDING DOMAIN COMPLEXED WITH DEOXYRIBONUCLEIC ACID (NMR, MINIMIZED AVERAGE STRUCTURE)' 
PDB 1MSF unspecified 'C-MYB DEOXYRIBONUCLEIC ACID-BINDING DOMAIN COMPLEXED WITH DEOXYRIBONUCLEIC ACID (NMR, 25 STRUCTURES)' 
# 
_pdbx_database_status.status_code                     REL 
_pdbx_database_status.entry_id                        1GUU 
_pdbx_database_status.deposit_site                    PDBE 
_pdbx_database_status.process_site                    PDBE 
_pdbx_database_status.SG_entry                        . 
_pdbx_database_status.recvd_initial_deposition_date   2002-01-30 
_pdbx_database_status.pdb_format_compatible           Y 
_pdbx_database_status.status_code_sf                  REL 
_pdbx_database_status.status_code_mr                  ? 
_pdbx_database_status.status_code_cs                  ? 
_pdbx_database_status.methods_development_category    ? 
_pdbx_database_status.status_code_nmr_data            ? 
# 
loop_
_audit_author.name 
_audit_author.pdbx_ordinal 
'Tahirov, T.H.' 1 
'Ogata, K.'     2 
# 
loop_
_citation.id 
_citation.title 
_citation.journal_abbrev 
_citation.journal_volume 
_citation.page_first 
_citation.page_last 
_citation.year 
_citation.journal_id_ASTM 
_citation.country 
_citation.journal_id_ISSN 
_citation.journal_id_CSD 
_citation.book_publisher 
_citation.pdbx_database_id_PubMed 
_citation.pdbx_database_id_DOI 
primary 'Crystal Structure of C-Myb DNA-Binding Domain: Specific Na+ Binding and Correlation with NMR Structure' 'To be Published' 
?   ?  ? ?    ?      ?  ?         0353 ? ?        ?                               
1       'Mechanism of C-Myb-C/Ebpbeta Cooperation from Separated Sites on a Promoter'                            
'Cell (Cambridge,Mass.)' 108 57 ? 2002 CELLB5 US 0092-8674 0998 ? 11792321 '10.1016/S0092-8674(01)00636-5' 
# 
loop_
_citation_author.citation_id 
_citation_author.name 
_citation_author.ordinal 
_citation_author.identifier_ORCID 
primary 'Tahirov, T.H.'      1  ? 
primary 'Morii, H.'          2  ? 
primary 'Uedaira, H.'        3  ? 
primary 'Sasaki, M.'         4  ? 
primary 'Sarai, A.'          5  ? 
primary 'Adachi, S.'         6  ? 
primary 'Park, S.Y.'         7  ? 
primary 'Kamiya, N.'         8  ? 
primary 'Ogata, K.'          9  ? 
1       'Tahirov, T.H.'      10 ? 
1       'Sato, K.'           11 ? 
1       'Ichikawa-Iwata, E.' 12 ? 
1       'Sasaki, M.'         13 ? 
1       'Inoue-Bungo, T.'    14 ? 
1       'Shiina, M.'         15 ? 
1       'Kimura, K.'         16 ? 
1       'Takata, S.'         17 ? 
1       'Fujikawa, A.'       18 ? 
1       'Morii, H.'          19 ? 
1       'Kumasaka, T.'       20 ? 
1       'Yamamoto, M.'       21 ? 
1       'Ishii, S.'          22 ? 
1       'Ogata, K.'          23 ? 
# 
_cell.entry_id           1GUU 
_cell.length_a           26.273 
_cell.length_b           35.303 
_cell.length_c           24.039 
_cell.angle_alpha        90.00 
_cell.angle_beta         93.37 
_cell.angle_gamma        90.00 
_cell.Z_PDB              2 
_cell.pdbx_unique_axis   ? 
# 
_symmetry.entry_id                         1GUU 
_symmetry.space_group_name_H-M             'P 1 21 1' 
_symmetry.pdbx_full_space_group_name_H-M   ? 
_symmetry.cell_setting                     ? 
_symmetry.Int_Tables_number                4 
# 
loop_
_entity.id 
_entity.type 
_entity.src_method 
_entity.pdbx_description 
_entity.formula_weight 
_entity.pdbx_number_of_molecules 
_entity.pdbx_ec 
_entity.pdbx_mutation 
_entity.pdbx_fragment 
_entity.details 
1 polymer     syn 'MYB PROTO-ONCOGENE PROTEIN' 6319.105 1  ? ? 'R1, RESIDUES 38-89' ? 
2 non-polymer syn 'SODIUM ION'                 22.990   1  ? ? ?                    ? 
3 water       nat water                        18.015   42 ? ? ?                    ? 
# 
_entity_name_com.entity_id   1 
_entity_name_com.name        C-MYB 
# 
_entity_poly.entity_id                      1 
_entity_poly.type                           'polypeptide(L)' 
_entity_poly.nstd_linkage                   no 
_entity_poly.nstd_monomer                   no 
_entity_poly.pdbx_seq_one_letter_code       LGKTRWTREEDEKLKKLVEQNGTDDWKVIANYLPNRTDVQCQHRWQKVLNPE 
_entity_poly.pdbx_seq_one_letter_code_can   LGKTRWTREEDEKLKKLVEQNGTDDWKVIANYLPNRTDVQCQHRWQKVLNPE 
_entity_poly.pdbx_strand_id                 A 
_entity_poly.pdbx_target_identifier         ? 
# 
loop_
_entity_poly_seq.entity_id 
_entity_poly_seq.num 
_entity_poly_seq.mon_id 
_entity_poly_seq.hetero 
1 1  LEU n 
1 2  GLY n 
1 3  LYS n 
1 4  THR n 
1 5  ARG n 
1 6  TRP n 
1 7  THR n 
1 8  ARG n 
1 9  GLU n 
1 10 GLU n 
1 11 ASP n 
1 12 GLU n 
1 13 LYS n 
1 14 LEU n 
1 15 LYS n 
1 16 LYS n 
1 17 LEU n 
1 18 VAL n 
1 19 GLU n 
1 20 GLN n 
1 21 ASN n 
1 22 GLY n 
1 23 THR n 
1 24 ASP n 
1 25 ASP n 
1 26 TRP n 
1 27 LYS n 
1 28 VAL n 
1 29 ILE n 
1 30 ALA n 
1 31 ASN n 
1 32 TYR n 
1 33 LEU n 
1 34 PRO n 
1 35 ASN n 
1 36 ARG n 
1 37 THR n 
1 38 ASP n 
1 39 VAL n 
1 40 GLN n 
1 41 CYS n 
1 42 GLN n 
1 43 HIS n 
1 44 ARG n 
1 45 TRP n 
1 46 GLN n 
1 47 LYS n 
1 48 VAL n 
1 49 LEU n 
1 50 ASN n 
1 51 PRO n 
1 52 GLU n 
# 
_pdbx_entity_src_syn.entity_id              1 
_pdbx_entity_src_syn.pdbx_src_id            1 
_pdbx_entity_src_syn.pdbx_alt_source_flag   sample 
_pdbx_entity_src_syn.pdbx_beg_seq_num       ? 
_pdbx_entity_src_syn.pdbx_end_seq_num       ? 
_pdbx_entity_src_syn.organism_scientific    'MUS MUSCULUS' 
_pdbx_entity_src_syn.organism_common_name   MOUSE 
_pdbx_entity_src_syn.ncbi_taxonomy_id       10090 
_pdbx_entity_src_syn.details                ? 
# 
_struct_ref.id                         1 
_struct_ref.db_name                    UNP 
_struct_ref.db_code                    MYB_MOUSE 
_struct_ref.entity_id                  1 
_struct_ref.pdbx_seq_one_letter_code   ? 
_struct_ref.pdbx_align_begin           ? 
_struct_ref.pdbx_db_accession          P06876 
_struct_ref.pdbx_db_isoform            ? 
# 
_struct_ref_seq.align_id                      1 
_struct_ref_seq.ref_id                        1 
_struct_ref_seq.pdbx_PDB_id_code              1GUU 
_struct_ref_seq.pdbx_strand_id                A 
_struct_ref_seq.seq_align_beg                 1 
_struct_ref_seq.pdbx_seq_align_beg_ins_code   ? 
_struct_ref_seq.seq_align_end                 52 
_struct_ref_seq.pdbx_seq_align_end_ins_code   ? 
_struct_ref_seq.pdbx_db_accession             P06876 
_struct_ref_seq.db_align_beg                  38 
_struct_ref_seq.pdbx_db_align_beg_ins_code    ? 
_struct_ref_seq.db_align_end                  89 
_struct_ref_seq.pdbx_db_align_end_ins_code    ? 
_struct_ref_seq.pdbx_auth_seq_align_beg       38 
_struct_ref_seq.pdbx_auth_seq_align_end       89 
# 
loop_
_chem_comp.id 
_chem_comp.type 
_chem_comp.mon_nstd_flag 
_chem_comp.name 
_chem_comp.pdbx_synonyms 
_chem_comp.formula 
_chem_comp.formula_weight 
ALA 'L-peptide linking' y ALANINE         ? 'C3 H7 N O2'     89.093  
ARG 'L-peptide linking' y ARGININE        ? 'C6 H15 N4 O2 1' 175.209 
ASN 'L-peptide linking' y ASPARAGINE      ? 'C4 H8 N2 O3'    132.118 
ASP 'L-peptide linking' y 'ASPARTIC ACID' ? 'C4 H7 N O4'     133.103 
CYS 'L-peptide linking' y CYSTEINE        ? 'C3 H7 N O2 S'   121.158 
GLN 'L-peptide linking' y GLUTAMINE       ? 'C5 H10 N2 O3'   146.144 
GLU 'L-peptide linking' y 'GLUTAMIC ACID' ? 'C5 H9 N O4'     147.129 
GLY 'peptide linking'   y GLYCINE         ? 'C2 H5 N O2'     75.067  
HIS 'L-peptide linking' y HISTIDINE       ? 'C6 H10 N3 O2 1' 156.162 
HOH non-polymer         . WATER           ? 'H2 O'           18.015  
ILE 'L-peptide linking' y ISOLEUCINE      ? 'C6 H13 N O2'    131.173 
LEU 'L-peptide linking' y LEUCINE         ? 'C6 H13 N O2'    131.173 
LYS 'L-peptide linking' y LYSINE          ? 'C6 H15 N2 O2 1' 147.195 
NA  non-polymer         . 'SODIUM ION'    ? 'Na 1'           22.990  
PRO 'L-peptide linking' y PROLINE         ? 'C5 H9 N O2'     115.130 
THR 'L-peptide linking' y THREONINE       ? 'C4 H9 N O3'     119.119 
TRP 'L-peptide linking' y TRYPTOPHAN      ? 'C11 H12 N2 O2'  204.225 
TYR 'L-peptide linking' y TYROSINE        ? 'C9 H11 N O3'    181.189 
VAL 'L-peptide linking' y VALINE          ? 'C5 H11 N O2'    117.146 
# 
_exptl.entry_id          1GUU 
_exptl.method            'X-RAY DIFFRACTION' 
_exptl.crystals_number   1 
# 
_exptl_crystal.id                    1 
_exptl_crystal.density_meas          ? 
_exptl_crystal.density_Matthews      1.76 
_exptl_crystal.density_percent_sol   30.16 
_exptl_crystal.description           ? 
# 
_exptl_crystal_grow.crystal_id      1 
_exptl_crystal_grow.method          ? 
_exptl_crystal_grow.temp            ? 
_exptl_crystal_grow.temp_details    ? 
_exptl_crystal_grow.pH              6.80 
_exptl_crystal_grow.pdbx_pH_range   ? 
_exptl_crystal_grow.pdbx_details    
;1.6-1.7 M SODIUM CITRATE PH 6.8, PROTEIN CONCENTRATION 15 MG/ML, CRYSTAL WAS TRANSFORMED TO LOW HUMIDITY FORM AND FLASH COOLED, 1-2% V/V OF GLYCEROL WAS ADDED TO PREVENT THE CRYSTAL CRACKING DURING THE FLASH COOLING
;
# 
_diffrn.id                     1 
_diffrn.ambient_temp           100.0 
_diffrn.ambient_temp_details   ? 
_diffrn.crystal_id             1 
# 
_diffrn_detector.diffrn_id              1 
_diffrn_detector.detector               'IMAGE PLATE' 
_diffrn_detector.type                   'RIGAKU RAXIS IV' 
_diffrn_detector.pdbx_collection_date   1999-04-27 
_diffrn_detector.details                ? 
# 
_diffrn_radiation.diffrn_id                        1 
_diffrn_radiation.wavelength_id                    1 
_diffrn_radiation.pdbx_monochromatic_or_laue_m_l   M 
_diffrn_radiation.monochromator                    ? 
_diffrn_radiation.pdbx_diffrn_protocol             'SINGLE WAVELENGTH' 
_diffrn_radiation.pdbx_scattering_type             x-ray 
# 
_diffrn_radiation_wavelength.id           1 
_diffrn_radiation_wavelength.wavelength   0.7 
_diffrn_radiation_wavelength.wt           1.0 
# 
_diffrn_source.diffrn_id                   1 
_diffrn_source.source                      SYNCHROTRON 
_diffrn_source.type                        'SPRING-8 BEAMLINE BL44B2' 
_diffrn_source.pdbx_synchrotron_site       SPring-8 
_diffrn_source.pdbx_synchrotron_beamline   BL44B2 
_diffrn_source.pdbx_wavelength             0.7 
_diffrn_source.pdbx_wavelength_list        ? 
# 
_reflns.pdbx_diffrn_id               1 
_reflns.pdbx_ordinal                 1 
_reflns.entry_id                     1GUU 
_reflns.observed_criterion_sigma_I   0.000 
_reflns.observed_criterion_sigma_F   ? 
_reflns.d_resolution_low             20.000 
_reflns.d_resolution_high            1.600 
_reflns.number_obs                   5574 
_reflns.number_all                   ? 
_reflns.percent_possible_obs         93.9 
_reflns.pdbx_Rmerge_I_obs            0.07700 
_reflns.pdbx_Rsym_value              ? 
_reflns.pdbx_netI_over_sigmaI        14.6530 
_reflns.B_iso_Wilson_estimate        18.9 
_reflns.pdbx_redundancy              2.959 
# 
_reflns_shell.pdbx_diffrn_id         1 
_reflns_shell.pdbx_ordinal           1 
_reflns_shell.d_res_high             1.60 
_reflns_shell.d_res_low              1.66 
_reflns_shell.percent_possible_all   72.5 
_reflns_shell.Rmerge_I_obs           0.20400 
_reflns_shell.pdbx_Rsym_value        ? 
_reflns_shell.meanI_over_sigI_obs    2.279 
_reflns_shell.pdbx_redundancy        2.43 
# 
_refine.pdbx_refine_id                           'X-RAY DIFFRACTION' 
_refine.entry_id                                 1GUU 
_refine.pdbx_diffrn_id                           1 
_refine.pdbx_TLS_residual_ADP_flag               ? 
_refine.ls_number_reflns_obs                     5531 
_refine.ls_number_reflns_all                     ? 
_refine.pdbx_ls_sigma_I                          ? 
_refine.pdbx_ls_sigma_F                          0.0 
_refine.pdbx_data_cutoff_high_absF               729344.03 
_refine.pdbx_data_cutoff_low_absF                ? 
_refine.pdbx_data_cutoff_high_rms_absF           ? 
_refine.ls_d_res_low                             19.85 
_refine.ls_d_res_high                            1.60 
_refine.ls_percent_reflns_obs                    94.0 
_refine.ls_R_factor_obs                          0.192 
_refine.ls_R_factor_all                          ? 
_refine.ls_R_factor_R_work                       0.192 
_refine.ls_R_factor_R_free                       0.223 
_refine.ls_R_factor_R_free_error                 0.013 
_refine.ls_R_factor_R_free_error_details         ? 
_refine.ls_percent_reflns_R_free                 5.5 
_refine.ls_number_reflns_R_free                  306 
_refine.ls_number_parameters                     ? 
_refine.ls_number_restraints                     ? 
_refine.occupancy_min                            ? 
_refine.occupancy_max                            ? 
_refine.correlation_coeff_Fo_to_Fc               ? 
_refine.correlation_coeff_Fo_to_Fc_free          ? 
_refine.B_iso_mean                               22.9 
_refine.aniso_B[1][1]                            6.44 
_refine.aniso_B[2][2]                            -4.79 
_refine.aniso_B[3][3]                            -1.65 
_refine.aniso_B[1][2]                            0.00 
_refine.aniso_B[1][3]                            -3.84 
_refine.aniso_B[2][3]                            0.00 
_refine.solvent_model_details                    'FLAT MODEL' 
_refine.solvent_model_param_ksol                 0.384404 
_refine.solvent_model_param_bsol                 50.5539 
_refine.pdbx_solvent_vdw_probe_radii             ? 
_refine.pdbx_solvent_ion_probe_radii             ? 
_refine.pdbx_solvent_shrinkage_radii             ? 
_refine.pdbx_ls_cross_valid_method               THROUGHOUT 
_refine.details                                  ? 
_refine.pdbx_starting_model                      'PDB ENTRY 1MBE' 
_refine.pdbx_method_to_determine_struct          'MOLECULAR REPLACEMENT' 
_refine.pdbx_isotropic_thermal_model             RESTRAINED 
_refine.pdbx_stereochemistry_target_values       ? 
_refine.pdbx_stereochem_target_val_spec_case     ? 
_refine.pdbx_R_Free_selection_details            RANDOM 
_refine.pdbx_overall_ESU_R                       ? 
_refine.pdbx_overall_ESU_R_Free                  ? 
_refine.overall_SU_ML                            ? 
_refine.pdbx_overall_phase_error                 ? 
_refine.overall_SU_B                             ? 
_refine.overall_SU_R_Cruickshank_DPI             ? 
_refine.pdbx_overall_SU_R_free_Cruickshank_DPI   ? 
_refine.pdbx_overall_SU_R_Blow_DPI               ? 
_refine.pdbx_overall_SU_R_free_Blow_DPI          ? 
# 
_refine_analyze.pdbx_refine_id                  'X-RAY DIFFRACTION' 
_refine_analyze.entry_id                        1GUU 
_refine_analyze.Luzzati_coordinate_error_obs    0.18 
_refine_analyze.Luzzati_sigma_a_obs             0.19 
_refine_analyze.Luzzati_d_res_low_obs           20.00 
_refine_analyze.Luzzati_coordinate_error_free   0.20 
_refine_analyze.Luzzati_sigma_a_free            0.16 
_refine_analyze.Luzzati_d_res_low_free          ? 
_refine_analyze.number_disordered_residues      ? 
_refine_analyze.occupancy_sum_hydrogen          ? 
_refine_analyze.occupancy_sum_non_hydrogen      ? 
# 
_refine_hist.pdbx_refine_id                   'X-RAY DIFFRACTION' 
_refine_hist.cycle_id                         LAST 
_refine_hist.pdbx_number_atoms_protein        433 
_refine_hist.pdbx_number_atoms_nucleic_acid   0 
_refine_hist.pdbx_number_atoms_ligand         1 
_refine_hist.number_atoms_solvent             42 
_refine_hist.number_atoms_total               476 
_refine_hist.d_res_high                       1.60 
_refine_hist.d_res_low                        19.85 
# 
loop_
_refine_ls_restr.type 
_refine_ls_restr.dev_ideal 
_refine_ls_restr.dev_ideal_target 
_refine_ls_restr.weight 
_refine_ls_restr.number 
_refine_ls_restr.pdbx_refine_id 
_refine_ls_restr.pdbx_restraint_function 
c_bond_d                0.004 ?    ? ? 'X-RAY DIFFRACTION' ? 
c_bond_d_na             ?     ?    ? ? 'X-RAY DIFFRACTION' ? 
c_bond_d_prot           ?     ?    ? ? 'X-RAY DIFFRACTION' ? 
c_angle_d               ?     ?    ? ? 'X-RAY DIFFRACTION' ? 
c_angle_d_na            ?     ?    ? ? 'X-RAY DIFFRACTION' ? 
c_angle_d_prot          ?     ?    ? ? 'X-RAY DIFFRACTION' ? 
c_angle_deg             0.9   ?    ? ? 'X-RAY DIFFRACTION' ? 
c_angle_deg_na          ?     ?    ? ? 'X-RAY DIFFRACTION' ? 
c_angle_deg_prot        ?     ?    ? ? 'X-RAY DIFFRACTION' ? 
c_dihedral_angle_d      18.4  ?    ? ? 'X-RAY DIFFRACTION' ? 
c_dihedral_angle_d_na   ?     ?    ? ? 'X-RAY DIFFRACTION' ? 
c_dihedral_angle_d_prot ?     ?    ? ? 'X-RAY DIFFRACTION' ? 
c_improper_angle_d      0.62  ?    ? ? 'X-RAY DIFFRACTION' ? 
c_improper_angle_d_na   ?     ?    ? ? 'X-RAY DIFFRACTION' ? 
c_improper_angle_d_prot ?     ?    ? ? 'X-RAY DIFFRACTION' ? 
c_mcbond_it             1.84  1.50 ? ? 'X-RAY DIFFRACTION' ? 
c_mcangle_it            2.86  2.00 ? ? 'X-RAY DIFFRACTION' ? 
c_scbond_it             3.23  2.00 ? ? 'X-RAY DIFFRACTION' ? 
c_scangle_it            4.98  2.50 ? ? 'X-RAY DIFFRACTION' ? 
# 
_refine_ls_shell.pdbx_refine_id                   'X-RAY DIFFRACTION' 
_refine_ls_shell.pdbx_total_number_of_bins_used   6 
_refine_ls_shell.d_res_high                       1.60 
_refine_ls_shell.d_res_low                        1.70 
_refine_ls_shell.number_reflns_R_work             724 
_refine_ls_shell.R_factor_R_work                  0.272 
_refine_ls_shell.percent_reflns_obs               78.2 
_refine_ls_shell.R_factor_R_free                  0.280 
_refine_ls_shell.R_factor_R_free_error            0.047 
_refine_ls_shell.percent_reflns_R_free            4.6 
_refine_ls_shell.number_reflns_R_free             35 
_refine_ls_shell.number_reflns_all                ? 
_refine_ls_shell.R_factor_all                     ? 
# 
loop_
_pdbx_xplor_file.pdbx_refine_id 
_pdbx_xplor_file.serial_no 
_pdbx_xplor_file.param_file 
_pdbx_xplor_file.topol_file 
'X-RAY DIFFRACTION' 1 PROTEIN_REP.PARAM PROTEIN.TOP 
'X-RAY DIFFRACTION' 2 ION.PARAM         ION.TOP     
'X-RAY DIFFRACTION' 3 WATER_REP.PARAM   WATER.TOP   
# 
_struct.entry_id                  1GUU 
_struct.title                     'CRYSTAL STRUCTURE OF C-MYB R1' 
_struct.pdbx_model_details        ? 
_struct.pdbx_CASP_flag            ? 
_struct.pdbx_model_type_details   ? 
# 
_struct_keywords.entry_id        1GUU 
_struct_keywords.pdbx_keywords   TRANSCRIPTION 
_struct_keywords.text            
'TRANSCRIPTION, TRANSCRIPTION REGULATION, MYB, C-MYB, DNA BINDING, ION BINDI PROTO-ONCOGENE, NUCLEAR PROTEIN, ACTIVATOR' 
# 
loop_
_struct_asym.id 
_struct_asym.pdbx_blank_PDB_chainid_flag 
_struct_asym.pdbx_modified 
_struct_asym.entity_id 
_struct_asym.details 
A N N 1 ? 
B N N 2 ? 
C N N 3 ? 
# 
_struct_biol.id   1 
# 
loop_
_struct_conf.conf_type_id 
_struct_conf.id 
_struct_conf.pdbx_PDB_helix_id 
_struct_conf.beg_label_comp_id 
_struct_conf.beg_label_asym_id 
_struct_conf.beg_label_seq_id 
_struct_conf.pdbx_beg_PDB_ins_code 
_struct_conf.end_label_comp_id 
_struct_conf.end_label_asym_id 
_struct_conf.end_label_seq_id 
_struct_conf.pdbx_end_PDB_ins_code 
_struct_conf.beg_auth_comp_id 
_struct_conf.beg_auth_asym_id 
_struct_conf.beg_auth_seq_id 
_struct_conf.end_auth_comp_id 
_struct_conf.end_auth_asym_id 
_struct_conf.end_auth_seq_id 
_struct_conf.pdbx_PDB_helix_class 
_struct_conf.details 
_struct_conf.pdbx_PDB_helix_length 
HELX_P HELX_P1 1 THR A 7  ? GLY A 22 ? THR A 44 GLY A 59 1 ? 16 
HELX_P HELX_P2 2 ASP A 25 ? TYR A 32 ? ASP A 62 TYR A 69 1 ? 8  
HELX_P HELX_P3 3 THR A 37 ? ASN A 50 ? THR A 74 ASN A 87 1 ? 14 
# 
_struct_conf_type.id          HELX_P 
_struct_conf_type.criteria    ? 
_struct_conf_type.reference   ? 
# 
loop_
_struct_conn.id 
_struct_conn.conn_type_id 
_struct_conn.pdbx_leaving_atom_flag 
_struct_conn.pdbx_PDB_id 
_struct_conn.ptnr1_label_asym_id 
_struct_conn.ptnr1_label_comp_id 
_struct_conn.ptnr1_label_seq_id 
_struct_conn.ptnr1_label_atom_id 
_struct_conn.pdbx_ptnr1_label_alt_id 
_struct_conn.pdbx_ptnr1_PDB_ins_code 
_struct_conn.pdbx_ptnr1_standard_comp_id 
_struct_conn.ptnr1_symmetry 
_struct_conn.ptnr2_label_asym_id 
_struct_conn.ptnr2_label_comp_id 
_struct_conn.ptnr2_label_seq_id 
_struct_conn.ptnr2_label_atom_id 
_struct_conn.pdbx_ptnr2_label_alt_id 
_struct_conn.pdbx_ptnr2_PDB_ins_code 
_struct_conn.ptnr1_auth_asym_id 
_struct_conn.ptnr1_auth_comp_id 
_struct_conn.ptnr1_auth_seq_id 
_struct_conn.ptnr2_auth_asym_id 
_struct_conn.ptnr2_auth_comp_id 
_struct_conn.ptnr2_auth_seq_id 
_struct_conn.ptnr2_symmetry 
_struct_conn.pdbx_ptnr3_label_atom_id 
_struct_conn.pdbx_ptnr3_label_seq_id 
_struct_conn.pdbx_ptnr3_label_comp_id 
_struct_conn.pdbx_ptnr3_label_asym_id 
_struct_conn.pdbx_ptnr3_label_alt_id 
_struct_conn.pdbx_ptnr3_PDB_ins_code 
_struct_conn.details 
_struct_conn.pdbx_dist_value 
_struct_conn.pdbx_value_order 
_struct_conn.pdbx_role 
metalc1 metalc ? ? A ALA 30 O  ? ? ? 1_555 B NA  . NA ? ? A ALA 67   A NA  1090 1_555 ? ? ? ? ? ? ? 2.313 ? ? 
metalc2 metalc ? ? A LEU 33 O  ? ? ? 1_555 B NA  . NA ? ? A LEU 70   A NA  1090 1_555 ? ? ? ? ? ? ? 2.455 ? ? 
metalc3 metalc ? ? A ARG 36 O  ? ? ? 1_555 B NA  . NA ? ? A ARG 73   A NA  1090 1_555 ? ? ? ? ? ? ? 2.540 ? ? 
metalc4 metalc ? ? B NA  .  NA ? ? ? 1_555 C HOH . O  ? ? A NA  1090 A HOH 2023 1_555 ? ? ? ? ? ? ? 2.546 ? ? 
metalc5 metalc ? ? B NA  .  NA ? ? ? 1_555 C HOH . O  ? ? A NA  1090 A HOH 2027 1_555 ? ? ? ? ? ? ? 2.408 ? ? 
# 
_struct_conn_type.id          metalc 
_struct_conn_type.criteria    ? 
_struct_conn_type.reference   ? 
# 
_struct_site.id                   AC1 
_struct_site.pdbx_evidence_code   Software 
_struct_site.pdbx_auth_asym_id    ? 
_struct_site.pdbx_auth_comp_id    ? 
_struct_site.pdbx_auth_seq_id     ? 
_struct_site.pdbx_auth_ins_code   ? 
_struct_site.pdbx_num_residues    5 
_struct_site.details              'BINDING SITE FOR RESIDUE NA A1090' 
# 
loop_
_struct_site_gen.id 
_struct_site_gen.site_id 
_struct_site_gen.pdbx_num_res 
_struct_site_gen.label_comp_id 
_struct_site_gen.label_asym_id 
_struct_site_gen.label_seq_id 
_struct_site_gen.pdbx_auth_ins_code 
_struct_site_gen.auth_comp_id 
_struct_site_gen.auth_asym_id 
_struct_site_gen.auth_seq_id 
_struct_site_gen.label_atom_id 
_struct_site_gen.label_alt_id 
_struct_site_gen.symmetry 
_struct_site_gen.details 
1 AC1 5 ALA A 30 ? ALA A 67   . ? 1_555 ? 
2 AC1 5 LEU A 33 ? LEU A 70   . ? 1_555 ? 
3 AC1 5 ARG A 36 ? ARG A 73   . ? 1_555 ? 
4 AC1 5 HOH C .  ? HOH A 2023 . ? 1_555 ? 
5 AC1 5 HOH C .  ? HOH A 2027 . ? 1_555 ? 
# 
_atom_sites.entry_id                    1GUU 
_atom_sites.fract_transf_matrix[1][1]   0.01106109 
_atom_sites.fract_transf_matrix[1][2]   -0.00000119 
_atom_sites.fract_transf_matrix[1][3]   0.03648822 
_atom_sites.fract_transf_matrix[2][1]   -0.02681745 
_atom_sites.fract_transf_matrix[2][2]   0.00413472 
_atom_sites.fract_transf_matrix[2][3]   0.00812961 
_atom_sites.fract_transf_matrix[3][1]   -0.00510087 
_atom_sites.fract_transf_matrix[3][2]   -0.04115347 
_atom_sites.fract_transf_matrix[3][3]   0.00410426 
_atom_sites.fract_transf_vector[1]      0.750602 
_atom_sites.fract_transf_vector[2]      0.385102 
_atom_sites.fract_transf_vector[3]      0.527670 
# 
loop_
_atom_type.symbol 
C  
N  
NA 
O  
S  
# 
loop_
_atom_site.group_PDB 
_atom_site.id 
_atom_site.type_symbol 
_atom_site.label_atom_id 
_atom_site.label_alt_id 
_atom_site.label_comp_id 
_atom_site.label_asym_id 
_atom_site.label_entity_id 
_atom_site.label_seq_id 
_atom_site.pdbx_PDB_ins_code 
_atom_site.Cartn_x 
_atom_site.Cartn_y 
_atom_site.Cartn_z 
_atom_site.occupancy 
_atom_site.B_iso_or_equiv 
_atom_site.pdbx_formal_charge 
_atom_site.auth_seq_id 
_atom_site.auth_comp_id 
_atom_site.auth_asym_id 
_atom_site.auth_atom_id 
_atom_site.pdbx_PDB_model_num 
ATOM   1   N  N   . LYS A 1 3  ? -0.373  -10.896 9.952   1.00 39.95 ? 40   LYS A N   1 
ATOM   2   C  CA  . LYS A 1 3  ? -0.724  -12.007 9.024   1.00 38.21 ? 40   LYS A CA  1 
ATOM   3   C  C   . LYS A 1 3  ? -2.114  -11.826 8.433   1.00 35.33 ? 40   LYS A C   1 
ATOM   4   O  O   . LYS A 1 3  ? -2.807  -12.799 8.132   1.00 35.94 ? 40   LYS A O   1 
ATOM   5   C  CB  . LYS A 1 3  ? -0.640  -13.351 9.755   1.00 41.15 ? 40   LYS A CB  1 
ATOM   6   C  CG  . LYS A 1 3  ? 0.692   -14.067 9.577   1.00 44.55 ? 40   LYS A CG  1 
ATOM   7   C  CD  . LYS A 1 3  ? 1.871   -13.141 9.840   1.00 47.80 ? 40   LYS A CD  1 
ATOM   8   C  CE  . LYS A 1 3  ? 3.185   -13.801 9.453   1.00 49.77 ? 40   LYS A CE  1 
ATOM   9   N  NZ  . LYS A 1 3  ? 4.337   -12.865 9.586   1.00 52.15 ? 40   LYS A NZ  1 
ATOM   10  N  N   . THR A 1 4  ? -2.517  -10.570 8.268   1.00 30.87 ? 41   THR A N   1 
ATOM   11  C  CA  . THR A 1 4  ? -3.825  -10.259 7.712   1.00 27.01 ? 41   THR A CA  1 
ATOM   12  C  C   . THR A 1 4  ? -3.744  -10.193 6.190   1.00 22.93 ? 41   THR A C   1 
ATOM   13  O  O   . THR A 1 4  ? -2.849  -9.566  5.628   1.00 22.90 ? 41   THR A O   1 
ATOM   14  C  CB  . THR A 1 4  ? -4.355  -8.918  8.270   1.00 30.82 ? 41   THR A CB  1 
ATOM   15  O  OG1 . THR A 1 4  ? -5.508  -8.508  7.528   1.00 33.85 ? 41   THR A OG1 1 
ATOM   16  C  CG2 . THR A 1 4  ? -3.286  -7.844  8.189   1.00 35.79 ? 41   THR A CG2 1 
ATOM   17  N  N   . ARG A 1 5  ? -4.678  -10.862 5.526   1.00 19.46 ? 42   ARG A N   1 
ATOM   18  C  CA  . ARG A 1 5  ? -4.703  -10.882 4.071   1.00 17.28 ? 42   ARG A CA  1 
ATOM   19  C  C   . ARG A 1 5  ? -5.134  -9.520  3.542   1.00 16.87 ? 42   ARG A C   1 
ATOM   20  O  O   . ARG A 1 5  ? -5.815  -8.764  4.239   1.00 15.18 ? 42   ARG A O   1 
ATOM   21  C  CB  . ARG A 1 5  ? -5.666  -11.965 3.576   1.00 16.79 ? 42   ARG A CB  1 
ATOM   22  C  CG  . ARG A 1 5  ? -7.131  -11.686 3.866   1.00 19.30 ? 42   ARG A CG  1 
ATOM   23  C  CD  . ARG A 1 5  ? -7.953  -12.965 3.757   1.00 20.93 ? 42   ARG A CD  1 
ATOM   24  N  NE  . ARG A 1 5  ? -9.384  -12.726 3.924   1.00 23.70 ? 42   ARG A NE  1 
ATOM   25  C  CZ  . ARG A 1 5  ? -10.160 -12.177 2.996   1.00 31.85 ? 42   ARG A CZ  1 
ATOM   26  N  NH1 . ARG A 1 5  ? -9.643  -11.808 1.831   1.00 31.37 ? 42   ARG A NH1 1 
ATOM   27  N  NH2 . ARG A 1 5  ? -11.455 -11.997 3.231   1.00 32.52 ? 42   ARG A NH2 1 
ATOM   28  N  N   . TRP A 1 6  ? -4.731  -9.211  2.313   1.00 15.84 ? 43   TRP A N   1 
ATOM   29  C  CA  . TRP A 1 6  ? -5.088  -7.936  1.697   1.00 17.75 ? 43   TRP A CA  1 
ATOM   30  C  C   . TRP A 1 6  ? -6.425  -8.013  0.979   1.00 19.34 ? 43   TRP A C   1 
ATOM   31  O  O   . TRP A 1 6  ? -6.698  -8.974  0.258   1.00 21.08 ? 43   TRP A O   1 
ATOM   32  C  CB  . TRP A 1 6  ? -4.009  -7.492  0.703   1.00 16.77 ? 43   TRP A CB  1 
ATOM   33  C  CG  . TRP A 1 6  ? -2.812  -6.866  1.344   1.00 15.38 ? 43   TRP A CG  1 
ATOM   34  C  CD1 . TRP A 1 6  ? -1.766  -7.508  1.939   1.00 17.18 ? 43   TRP A CD1 1 
ATOM   35  C  CD2 . TRP A 1 6  ? -2.548  -5.463  1.472   1.00 14.37 ? 43   TRP A CD2 1 
ATOM   36  N  NE1 . TRP A 1 6  ? -0.865  -6.593  2.429   1.00 15.21 ? 43   TRP A NE1 1 
ATOM   37  C  CE2 . TRP A 1 6  ? -1.320  -5.330  2.157   1.00 15.06 ? 43   TRP A CE2 1 
ATOM   38  C  CE3 . TRP A 1 6  ? -3.228  -4.306  1.072   1.00 14.73 ? 43   TRP A CE3 1 
ATOM   39  C  CZ2 . TRP A 1 6  ? -0.758  -4.084  2.453   1.00 14.36 ? 43   TRP A CZ2 1 
ATOM   40  C  CZ3 . TRP A 1 6  ? -2.670  -3.066  1.365   1.00 16.62 ? 43   TRP A CZ3 1 
ATOM   41  C  CH2 . TRP A 1 6  ? -1.444  -2.966  2.049   1.00 15.35 ? 43   TRP A CH2 1 
ATOM   42  N  N   . THR A 1 7  ? -7.255  -6.992  1.179   1.00 18.32 ? 44   THR A N   1 
ATOM   43  C  CA  . THR A 1 7  ? -8.567  -6.933  0.543   1.00 19.12 ? 44   THR A CA  1 
ATOM   44  C  C   . THR A 1 7  ? -8.482  -6.071  -0.712  1.00 19.72 ? 44   THR A C   1 
ATOM   45  O  O   . THR A 1 7  ? -7.516  -5.333  -0.903  1.00 16.15 ? 44   THR A O   1 
ATOM   46  C  CB  . THR A 1 7  ? -9.615  -6.314  1.477   1.00 20.74 ? 44   THR A CB  1 
ATOM   47  O  OG1 . THR A 1 7  ? -9.256  -4.957  1.756   1.00 19.46 ? 44   THR A OG1 1 
ATOM   48  C  CG2 . THR A 1 7  ? -9.696  -7.092  2.789   1.00 20.56 ? 44   THR A CG2 1 
ATOM   49  N  N   . ARG A 1 8  ? -9.494  -6.164  -1.566  1.00 20.13 ? 45   ARG A N   1 
ATOM   50  C  CA  . ARG A 1 8  ? -9.511  -5.386  -2.797  1.00 22.95 ? 45   ARG A CA  1 
ATOM   51  C  C   . ARG A 1 8  ? -9.609  -3.902  -2.463  1.00 23.61 ? 45   ARG A C   1 
ATOM   52  O  O   . ARG A 1 8  ? -9.003  -3.062  -3.128  1.00 22.69 ? 45   ARG A O   1 
ATOM   53  C  CB  . ARG A 1 8  ? -10.695 -5.812  -3.670  1.00 29.48 ? 45   ARG A CB  1 
ATOM   54  C  CG  . ARG A 1 8  ? -10.470 -5.601  -5.161  1.00 39.02 ? 45   ARG A CG  1 
ATOM   55  C  CD  . ARG A 1 8  ? -9.205  -6.314  -5.633  1.00 45.97 ? 45   ARG A CD  1 
ATOM   56  N  NE  . ARG A 1 8  ? -9.242  -7.754  -5.387  1.00 51.43 ? 45   ARG A NE  1 
ATOM   57  C  CZ  . ARG A 1 8  ? -10.044 -8.606  -6.019  1.00 55.04 ? 45   ARG A CZ  1 
ATOM   58  N  NH1 . ARG A 1 8  ? -10.888 -8.167  -6.946  1.00 55.82 ? 45   ARG A NH1 1 
ATOM   59  N  NH2 . ARG A 1 8  ? -10.003 -9.900  -5.728  1.00 55.36 ? 45   ARG A NH2 1 
ATOM   60  N  N   . GLU A 1 9  ? -10.368 -3.585  -1.420  1.00 22.05 ? 46   GLU A N   1 
ATOM   61  C  CA  . GLU A 1 9  ? -10.532 -2.201  -1.000  1.00 22.59 ? 46   GLU A CA  1 
ATOM   62  C  C   . GLU A 1 9  ? -9.193  -1.634  -0.544  1.00 19.97 ? 46   GLU A C   1 
ATOM   63  O  O   . GLU A 1 9  ? -8.869  -0.479  -0.831  1.00 17.59 ? 46   GLU A O   1 
ATOM   64  C  CB  . GLU A 1 9  ? -11.560 -2.112  0.128   1.00 22.95 ? 46   GLU A CB  1 
ATOM   65  C  CG  . GLU A 1 9  ? -11.720 -0.728  0.720   1.00 30.06 ? 46   GLU A CG  1 
ATOM   66  C  CD  . GLU A 1 9  ? -12.886 -0.647  1.686   1.00 34.13 ? 46   GLU A CD  1 
ATOM   67  O  OE1 . GLU A 1 9  ? -12.942 0.322   2.469   1.00 37.13 ? 46   GLU A OE1 1 
ATOM   68  O  OE2 . GLU A 1 9  ? -13.752 -1.547  1.655   1.00 36.92 ? 46   GLU A OE2 1 
ATOM   69  N  N   . GLU A 1 10 ? -8.411  -2.446  0.164   1.00 17.56 ? 47   GLU A N   1 
ATOM   70  C  CA  . GLU A 1 10 ? -7.098  -2.004  0.623   1.00 15.61 ? 47   GLU A CA  1 
ATOM   71  C  C   . GLU A 1 10 ? -6.176  -1.759  -0.565  1.00 16.05 ? 47   GLU A C   1 
ATOM   72  O  O   . GLU A 1 10 ? -5.447  -0.772  -0.598  1.00 14.84 ? 47   GLU A O   1 
ATOM   73  C  CB  . GLU A 1 10 ? -6.460  -3.049  1.539   1.00 18.63 ? 47   GLU A CB  1 
ATOM   74  C  CG  . GLU A 1 10 ? -7.004  -3.068  2.946   1.00 20.48 ? 47   GLU A CG  1 
ATOM   75  C  CD  . GLU A 1 10 ? -6.217  -4.006  3.836   1.00 24.24 ? 47   GLU A CD  1 
ATOM   76  O  OE1 . GLU A 1 10 ? -6.148  -5.208  3.512   1.00 19.65 ? 47   GLU A OE1 1 
ATOM   77  O  OE2 . GLU A 1 10 ? -5.664  -3.540  4.854   1.00 23.51 ? 47   GLU A OE2 1 
ATOM   78  N  N   . ASP A 1 11 ? -6.206  -2.663  -1.537  1.00 14.02 ? 48   ASP A N   1 
ATOM   79  C  CA  . ASP A 1 11 ? -5.361  -2.511  -2.715  1.00 15.05 ? 48   ASP A CA  1 
ATOM   80  C  C   . ASP A 1 11 ? -5.703  -1.235  -3.465  1.00 13.23 ? 48   ASP A C   1 
ATOM   81  O  O   . ASP A 1 11 ? -4.817  -0.530  -3.940  1.00 15.93 ? 48   ASP A O   1 
ATOM   82  C  CB  . ASP A 1 11 ? -5.509  -3.702  -3.665  1.00 16.66 ? 48   ASP A CB  1 
ATOM   83  C  CG  . ASP A 1 11 ? -4.838  -4.956  -3.148  1.00 20.70 ? 48   ASP A CG  1 
ATOM   84  O  OD1 . ASP A 1 11 ? -3.977  -4.851  -2.246  1.00 19.38 ? 48   ASP A OD1 1 
ATOM   85  O  OD2 . ASP A 1 11 ? -5.164  -6.049  -3.659  1.00 22.76 ? 48   ASP A OD2 1 
ATOM   86  N  N   . GLU A 1 12 ? -6.994  -0.939  -3.576  1.00 15.03 ? 49   GLU A N   1 
ATOM   87  C  CA  . GLU A 1 12 ? -7.423  0.260   -4.283  1.00 16.75 ? 49   GLU A CA  1 
ATOM   88  C  C   . GLU A 1 12 ? -6.976  1.507   -3.527  1.00 18.46 ? 49   GLU A C   1 
ATOM   89  O  O   . GLU A 1 12 ? -6.467  2.454   -4.128  1.00 16.78 ? 49   GLU A O   1 
ATOM   90  C  CB  . GLU A 1 12 ? -8.942  0.263   -4.452  1.00 20.87 ? 49   GLU A CB  1 
ATOM   91  C  CG  . GLU A 1 12 ? -9.422  1.219   -5.530  1.00 27.80 ? 49   GLU A CG  1 
ATOM   92  C  CD  . GLU A 1 12 ? -8.692  1.003   -6.844  1.00 30.44 ? 49   GLU A CD  1 
ATOM   93  O  OE1 . GLU A 1 12 ? -8.699  -0.142  -7.345  1.00 33.19 ? 49   GLU A OE1 1 
ATOM   94  O  OE2 . GLU A 1 12 ? -8.110  1.976   -7.373  1.00 33.35 ? 49   GLU A OE2 1 
ATOM   95  N  N   . LYS A 1 13 ? -7.170  1.511   -2.211  1.00 16.28 ? 50   LYS A N   1 
ATOM   96  C  CA  . LYS A 1 13 ? -6.752  2.648   -1.400  1.00 16.94 ? 50   LYS A CA  1 
ATOM   97  C  C   . LYS A 1 13 ? -5.248  2.829   -1.561  1.00 16.12 ? 50   LYS A C   1 
ATOM   98  O  O   . LYS A 1 13 ? -4.764  3.942   -1.735  1.00 17.32 ? 50   LYS A O   1 
ATOM   99  C  CB  . LYS A 1 13 ? -7.061  2.419   0.082   1.00 20.84 ? 50   LYS A CB  1 
ATOM   100 C  CG  . LYS A 1 13 ? -8.530  2.450   0.460   1.00 29.49 ? 50   LYS A CG  1 
ATOM   101 C  CD  . LYS A 1 13 ? -8.679  2.323   1.973   1.00 32.19 ? 50   LYS A CD  1 
ATOM   102 C  CE  . LYS A 1 13 ? -10.133 2.369   2.410   1.00 36.58 ? 50   LYS A CE  1 
ATOM   103 N  NZ  . LYS A 1 13 ? -10.261 2.166   3.883   1.00 39.32 ? 50   LYS A NZ  1 
ATOM   104 N  N   . LEU A 1 14 ? -4.515  1.721   -1.496  1.00 14.16 ? 51   LEU A N   1 
ATOM   105 C  CA  . LEU A 1 14 ? -3.062  1.755   -1.631  1.00 12.64 ? 51   LEU A CA  1 
ATOM   106 C  C   . LEU A 1 14 ? -2.631  2.413   -2.936  1.00 13.69 ? 51   LEU A C   1 
ATOM   107 O  O   . LEU A 1 14 ? -1.765  3.291   -2.948  1.00 15.29 ? 51   LEU A O   1 
ATOM   108 C  CB  . LEU A 1 14 ? -2.493  0.331   -1.567  1.00 12.88 ? 51   LEU A CB  1 
ATOM   109 C  CG  . LEU A 1 14 ? -0.978  0.186   -1.742  1.00 12.87 ? 51   LEU A CG  1 
ATOM   110 C  CD1 . LEU A 1 14 ? -0.250  0.933   -0.631  1.00 14.83 ? 51   LEU A CD1 1 
ATOM   111 C  CD2 . LEU A 1 14 ? -0.609  -1.287  -1.719  1.00 13.34 ? 51   LEU A CD2 1 
ATOM   112 N  N   . LYS A 1 15 ? -3.241  1.988   -4.037  1.00 15.34 ? 52   LYS A N   1 
ATOM   113 C  CA  . LYS A 1 15 ? -2.912  2.535   -5.349  1.00 15.80 ? 52   LYS A CA  1 
ATOM   114 C  C   . LYS A 1 15 ? -3.176  4.036   -5.452  1.00 14.68 ? 52   LYS A C   1 
ATOM   115 O  O   . LYS A 1 15 ? -2.358  4.777   -5.996  1.00 15.46 ? 52   LYS A O   1 
ATOM   116 C  CB  . LYS A 1 15 ? -3.703  1.798   -6.435  1.00 19.74 ? 52   LYS A CB  1 
ATOM   117 C  CG  . LYS A 1 15 ? -3.289  0.342   -6.625  1.00 25.05 ? 52   LYS A CG  1 
ATOM   118 C  CD  . LYS A 1 15 ? -4.352  -0.452  -7.382  1.00 30.62 ? 52   LYS A CD  1 
ATOM   119 C  CE  . LYS A 1 15 ? -4.628  0.136   -8.759  1.00 37.05 ? 52   LYS A CE  1 
ATOM   120 N  NZ  . LYS A 1 15 ? -5.783  -0.532  -9.424  1.00 40.93 ? 52   LYS A NZ  1 
ATOM   121 N  N   . LYS A 1 16 ? -4.318  4.481   -4.931  1.00 14.48 ? 53   LYS A N   1 
ATOM   122 C  CA  . LYS A 1 16 ? -4.675  5.895   -4.985  1.00 16.92 ? 53   LYS A CA  1 
ATOM   123 C  C   . LYS A 1 16 ? -3.815  6.734   -4.057  1.00 15.63 ? 53   LYS A C   1 
ATOM   124 O  O   . LYS A 1 16 ? -3.493  7.879   -4.367  1.00 17.35 ? 53   LYS A O   1 
ATOM   125 C  CB  . LYS A 1 16 ? -6.157  6.084   -4.646  1.00 21.47 ? 53   LYS A CB  1 
ATOM   126 C  CG  . LYS A 1 16 ? -7.090  5.464   -5.676  1.00 28.00 ? 53   LYS A CG  1 
ATOM   127 C  CD  . LYS A 1 16 ? -6.775  5.980   -7.075  1.00 32.58 ? 53   LYS A CD  1 
ATOM   128 C  CE  . LYS A 1 16 ? -7.564  5.232   -8.139  1.00 38.01 ? 53   LYS A CE  1 
ATOM   129 N  NZ  . LYS A 1 16 ? -7.184  5.655   -9.518  1.00 39.19 ? 53   LYS A NZ  1 
ATOM   130 N  N   . LEU A 1 17 ? -3.447  6.166   -2.915  1.00 14.87 ? 54   LEU A N   1 
ATOM   131 C  CA  . LEU A 1 17 ? -2.601  6.877   -1.967  1.00 13.58 ? 54   LEU A CA  1 
ATOM   132 C  C   . LEU A 1 17 ? -1.235  7.134   -2.597  1.00 14.28 ? 54   LEU A C   1 
ATOM   133 O  O   . LEU A 1 17 ? -0.659  8.210   -2.438  1.00 12.76 ? 54   LEU A O   1 
ATOM   134 C  CB  . LEU A 1 17 ? -2.442  6.059   -0.678  1.00 11.75 ? 54   LEU A CB  1 
ATOM   135 C  CG  . LEU A 1 17 ? -3.620  6.095   0.303   1.00 13.24 ? 54   LEU A CG  1 
ATOM   136 C  CD1 . LEU A 1 17 ? -3.486  4.980   1.328   1.00 12.65 ? 54   LEU A CD1 1 
ATOM   137 C  CD2 . LEU A 1 17 ? -3.650  7.449   0.994   1.00 14.12 ? 54   LEU A CD2 1 
ATOM   138 N  N   . VAL A 1 18 ? -0.719  6.142   -3.320  1.00 14.24 ? 55   VAL A N   1 
ATOM   139 C  CA  . VAL A 1 18 ? 0.580   6.277   -3.968  1.00 14.93 ? 55   VAL A CA  1 
ATOM   140 C  C   . VAL A 1 18 ? 0.516   7.247   -5.140  1.00 17.45 ? 55   VAL A C   1 
ATOM   141 O  O   . VAL A 1 18 ? 1.434   8.034   -5.360  1.00 17.19 ? 55   VAL A O   1 
ATOM   142 C  CB  . VAL A 1 18 ? 1.098   4.918   -4.490  1.00 14.99 ? 55   VAL A CB  1 
ATOM   143 C  CG1 . VAL A 1 18 ? 2.376   5.125   -5.301  1.00 17.70 ? 55   VAL A CG1 1 
ATOM   144 C  CG2 . VAL A 1 18 ? 1.369   3.979   -3.321  1.00 17.57 ? 55   VAL A CG2 1 
ATOM   145 N  N   . GLU A 1 19 ? -0.572  7.189   -5.896  1.00 21.75 ? 56   GLU A N   1 
ATOM   146 C  CA  . GLU A 1 19 ? -0.718  8.073   -7.042  1.00 24.98 ? 56   GLU A CA  1 
ATOM   147 C  C   . GLU A 1 19 ? -0.776  9.539   -6.610  1.00 24.87 ? 56   GLU A C   1 
ATOM   148 O  O   . GLU A 1 19 ? -0.244  10.414  -7.294  1.00 25.07 ? 56   GLU A O   1 
ATOM   149 C  CB  . GLU A 1 19 ? -1.980  7.712   -7.830  1.00 30.63 ? 56   GLU A CB  1 
ATOM   150 C  CG  . GLU A 1 19 ? -1.989  8.257   -9.250  1.00 41.66 ? 56   GLU A CG  1 
ATOM   151 C  CD  . GLU A 1 19 ? -0.886  7.661   -10.110 1.00 46.41 ? 56   GLU A CD  1 
ATOM   152 O  OE1 . GLU A 1 19 ? -0.687  8.143   -11.246 1.00 49.63 ? 56   GLU A OE1 1 
ATOM   153 O  OE2 . GLU A 1 19 ? -0.222  6.706   -9.652  1.00 49.39 ? 56   GLU A OE2 1 
ATOM   154 N  N   . GLN A 1 20 ? -1.401  9.805   -5.467  1.00 21.90 ? 57   GLN A N   1 
ATOM   155 C  CA  . GLN A 1 20 ? -1.534  11.173  -4.972  1.00 21.92 ? 57   GLN A CA  1 
ATOM   156 C  C   . GLN A 1 20 ? -0.347  11.683  -4.153  1.00 22.10 ? 57   GLN A C   1 
ATOM   157 O  O   . GLN A 1 20 ? -0.062  12.880  -4.151  1.00 21.85 ? 57   GLN A O   1 
ATOM   158 C  CB  . GLN A 1 20 ? -2.801  11.305  -4.120  1.00 26.57 ? 57   GLN A CB  1 
ATOM   159 C  CG  . GLN A 1 20 ? -4.071  10.777  -4.772  1.00 31.26 ? 57   GLN A CG  1 
ATOM   160 C  CD  . GLN A 1 20 ? -5.295  10.988  -3.901  1.00 35.66 ? 57   GLN A CD  1 
ATOM   161 O  OE1 . GLN A 1 20 ? -5.240  10.818  -2.682  1.00 36.54 ? 57   GLN A OE1 1 
ATOM   162 N  NE2 . GLN A 1 20 ? -6.412  11.349  -4.525  1.00 36.96 ? 57   GLN A NE2 1 
ATOM   163 N  N   . ASN A 1 21 ? 0.351   10.782  -3.468  1.00 16.96 ? 58   ASN A N   1 
ATOM   164 C  CA  . ASN A 1 21 ? 1.467   11.186  -2.619  1.00 15.20 ? 58   ASN A CA  1 
ATOM   165 C  C   . ASN A 1 21 ? 2.852   10.791  -3.094  1.00 15.08 ? 58   ASN A C   1 
ATOM   166 O  O   . ASN A 1 21 ? 3.849   11.347  -2.634  1.00 17.85 ? 58   ASN A O   1 
ATOM   167 C  CB  . ASN A 1 21 ? 1.244   10.638  -1.211  1.00 16.25 ? 58   ASN A CB  1 
ATOM   168 C  CG  . ASN A 1 21 ? 0.033   11.247  -0.542  1.00 17.77 ? 58   ASN A CG  1 
ATOM   169 O  OD1 . ASN A 1 21 ? 0.100   12.352  0.000   1.00 15.00 ? 58   ASN A OD1 1 
ATOM   170 N  ND2 . ASN A 1 21 ? -1.091  10.539  -0.595  1.00 17.49 ? 58   ASN A ND2 1 
ATOM   171 N  N   . GLY A 1 22 ? 2.924   9.836   -4.012  1.00 14.89 ? 59   GLY A N   1 
ATOM   172 C  CA  . GLY A 1 22 ? 4.224   9.395   -4.480  1.00 16.14 ? 59   GLY A CA  1 
ATOM   173 C  C   . GLY A 1 22 ? 4.774   8.359   -3.519  1.00 20.00 ? 59   GLY A C   1 
ATOM   174 O  O   . GLY A 1 22 ? 4.105   8.000   -2.543  1.00 18.36 ? 59   GLY A O   1 
ATOM   175 N  N   . THR A 1 23 ? 5.995   7.893   -3.771  1.00 19.07 ? 60   THR A N   1 
ATOM   176 C  CA  . THR A 1 23 ? 6.608   6.863   -2.935  1.00 20.61 ? 60   THR A CA  1 
ATOM   177 C  C   . THR A 1 23 ? 7.818   7.283   -2.097  1.00 19.36 ? 60   THR A C   1 
ATOM   178 O  O   . THR A 1 23 ? 8.535   6.424   -1.583  1.00 19.86 ? 60   THR A O   1 
ATOM   179 C  CB  . THR A 1 23 ? 7.034   5.659   -3.796  1.00 22.39 ? 60   THR A CB  1 
ATOM   180 O  OG1 . THR A 1 23 ? 7.994   6.087   -4.770  1.00 26.49 ? 60   THR A OG1 1 
ATOM   181 C  CG2 . THR A 1 23 ? 5.833   5.065   -4.510  1.00 24.65 ? 60   THR A CG2 1 
ATOM   182 N  N   . ASP A 1 24 ? 8.051   8.583   -1.949  1.00 18.29 ? 61   ASP A N   1 
ATOM   183 C  CA  . ASP A 1 24 ? 9.193   9.045   -1.162  1.00 20.37 ? 61   ASP A CA  1 
ATOM   184 C  C   . ASP A 1 24 ? 9.039   8.793   0.337   1.00 20.63 ? 61   ASP A C   1 
ATOM   185 O  O   . ASP A 1 24 ? 10.025  8.789   1.076   1.00 21.78 ? 61   ASP A O   1 
ATOM   186 C  CB  . ASP A 1 24 ? 9.444   10.537  -1.402  1.00 26.19 ? 61   ASP A CB  1 
ATOM   187 C  CG  . ASP A 1 24 ? 10.068  10.813  -2.757  1.00 31.80 ? 61   ASP A CG  1 
ATOM   188 O  OD1 . ASP A 1 24 ? 10.309  11.998  -3.068  1.00 34.82 ? 61   ASP A OD1 1 
ATOM   189 O  OD2 . ASP A 1 24 ? 10.321  9.847   -3.509  1.00 35.12 ? 61   ASP A OD2 1 
ATOM   190 N  N   . ASP A 1 25 ? 7.809   8.583   0.789   1.00 18.94 ? 62   ASP A N   1 
ATOM   191 C  CA  . ASP A 1 25 ? 7.571   8.332   2.207   1.00 17.76 ? 62   ASP A CA  1 
ATOM   192 C  C   . ASP A 1 25 ? 6.485   7.277   2.373   1.00 16.61 ? 62   ASP A C   1 
ATOM   193 O  O   . ASP A 1 25 ? 5.298   7.589   2.302   1.00 13.66 ? 62   ASP A O   1 
ATOM   194 C  CB  . ASP A 1 25 ? 7.140   9.621   2.911   1.00 20.80 ? 62   ASP A CB  1 
ATOM   195 C  CG  . ASP A 1 25 ? 7.293   9.543   4.420   1.00 24.21 ? 62   ASP A CG  1 
ATOM   196 O  OD1 . ASP A 1 25 ? 7.064   8.460   4.995   1.00 22.40 ? 62   ASP A OD1 1 
ATOM   197 O  OD2 . ASP A 1 25 ? 7.634   10.574  5.037   1.00 30.72 ? 62   ASP A OD2 1 
ATOM   198 N  N   . TRP A 1 26 ? 6.887   6.029   2.591   1.00 13.86 ? 63   TRP A N   1 
ATOM   199 C  CA  . TRP A 1 26 ? 5.910   4.962   2.763   1.00 11.96 ? 63   TRP A CA  1 
ATOM   200 C  C   . TRP A 1 26 ? 5.178   5.047   4.091   1.00 12.35 ? 63   TRP A C   1 
ATOM   201 O  O   . TRP A 1 26 ? 4.174   4.360   4.298   1.00 11.67 ? 63   TRP A O   1 
ATOM   202 C  CB  . TRP A 1 26 ? 6.576   3.595   2.602   1.00 11.26 ? 63   TRP A CB  1 
ATOM   203 C  CG  . TRP A 1 26 ? 6.874   3.296   1.173   1.00 11.27 ? 63   TRP A CG  1 
ATOM   204 C  CD1 . TRP A 1 26 ? 8.068   3.461   0.527   1.00 12.39 ? 63   TRP A CD1 1 
ATOM   205 C  CD2 . TRP A 1 26 ? 5.934   2.874   0.178   1.00 11.67 ? 63   TRP A CD2 1 
ATOM   206 N  NE1 . TRP A 1 26 ? 7.927   3.172   -0.810  1.00 8.68  ? 63   TRP A NE1 1 
ATOM   207 C  CE2 . TRP A 1 26 ? 6.628   2.810   -1.052  1.00 11.10 ? 63   TRP A CE2 1 
ATOM   208 C  CE3 . TRP A 1 26 ? 4.571   2.548   0.206   1.00 10.20 ? 63   TRP A CE3 1 
ATOM   209 C  CZ2 . TRP A 1 26 ? 6.003   2.434   -2.246  1.00 13.21 ? 63   TRP A CZ2 1 
ATOM   210 C  CZ3 . TRP A 1 26 ? 3.949   2.175   -0.984  1.00 12.77 ? 63   TRP A CZ3 1 
ATOM   211 C  CH2 . TRP A 1 26 ? 4.668   2.122   -2.192  1.00 12.25 ? 63   TRP A CH2 1 
ATOM   212 N  N   . LYS A 1 27 ? 5.672   5.886   4.992   1.00 11.41 ? 64   LYS A N   1 
ATOM   213 C  CA  . LYS A 1 27 ? 5.006   6.049   6.279   1.00 14.72 ? 64   LYS A CA  1 
ATOM   214 C  C   . LYS A 1 27 ? 3.739   6.877   6.091   1.00 15.32 ? 64   LYS A C   1 
ATOM   215 O  O   . LYS A 1 27 ? 2.782   6.739   6.850   1.00 14.26 ? 64   LYS A O   1 
ATOM   216 C  CB  . LYS A 1 27 ? 5.941   6.707   7.295   1.00 18.90 ? 64   LYS A CB  1 
ATOM   217 C  CG  . LYS A 1 27 ? 7.022   5.762   7.788   1.00 22.87 ? 64   LYS A CG  1 
ATOM   218 C  CD  . LYS A 1 27 ? 7.690   6.274   9.048   1.00 29.00 ? 64   LYS A CD  1 
ATOM   219 C  CE  . LYS A 1 27 ? 8.488   5.168   9.714   1.00 32.16 ? 64   LYS A CE  1 
ATOM   220 N  NZ  . LYS A 1 27 ? 7.601   4.023   10.078  1.00 35.30 ? 64   LYS A NZ  1 
ATOM   221 N  N   . VAL A 1 28 ? 3.734   7.739   5.077   1.00 15.28 ? 65   VAL A N   1 
ATOM   222 C  CA  . VAL A 1 28 ? 2.551   8.548   4.790   1.00 14.31 ? 65   VAL A CA  1 
ATOM   223 C  C   . VAL A 1 28 ? 1.473   7.613   4.252   1.00 14.19 ? 65   VAL A C   1 
ATOM   224 O  O   . VAL A 1 28 ? 0.315   7.658   4.673   1.00 13.09 ? 65   VAL A O   1 
ATOM   225 C  CB  . VAL A 1 28 ? 2.845   9.632   3.728   1.00 14.45 ? 65   VAL A CB  1 
ATOM   226 C  CG1 . VAL A 1 28 ? 1.544   10.271  3.259   1.00 18.66 ? 65   VAL A CG1 1 
ATOM   227 C  CG2 . VAL A 1 28 ? 3.760   10.697  4.311   1.00 19.51 ? 65   VAL A CG2 1 
ATOM   228 N  N   . ILE A 1 29 ? 1.873   6.756   3.320   1.00 11.83 ? 66   ILE A N   1 
ATOM   229 C  CA  . ILE A 1 29 ? 0.959   5.796   2.718   1.00 10.15 ? 66   ILE A CA  1 
ATOM   230 C  C   . ILE A 1 29 ? 0.383   4.864   3.786   1.00 10.39 ? 66   ILE A C   1 
ATOM   231 O  O   . ILE A 1 29 ? -0.830  4.689   3.875   1.00 13.50 ? 66   ILE A O   1 
ATOM   232 C  CB  . ILE A 1 29 ? 1.690   4.962   1.639   1.00 12.04 ? 66   ILE A CB  1 
ATOM   233 C  CG1 . ILE A 1 29 ? 2.251   5.904   0.562   1.00 15.55 ? 66   ILE A CG1 1 
ATOM   234 C  CG2 . ILE A 1 29 ? 0.742   3.930   1.037   1.00 11.75 ? 66   ILE A CG2 1 
ATOM   235 C  CD1 A ILE A 1 29 ? 2.963   5.221   -0.566  0.50 14.23 ? 66   ILE A CD1 1 
ATOM   236 C  CD1 B ILE A 1 29 ? 1.206   6.668   -0.214  0.50 7.29  ? 66   ILE A CD1 1 
ATOM   237 N  N   . ALA A 1 30 ? 1.256   4.289   4.607   1.00 8.25  ? 67   ALA A N   1 
ATOM   238 C  CA  . ALA A 1 30 ? 0.831   3.365   5.661   1.00 10.11 ? 67   ALA A CA  1 
ATOM   239 C  C   . ALA A 1 30 ? -0.084  4.008   6.698   1.00 11.28 ? 67   ALA A C   1 
ATOM   240 O  O   . ALA A 1 30 ? -0.918  3.332   7.303   1.00 12.37 ? 67   ALA A O   1 
ATOM   241 C  CB  . ALA A 1 30 ? 2.052   2.770   6.352   1.00 10.68 ? 67   ALA A CB  1 
ATOM   242 N  N   . ASN A 1 31 ? 0.072   5.311   6.908   1.00 12.11 ? 68   ASN A N   1 
ATOM   243 C  CA  . ASN A 1 31 ? -0.744  6.020   7.888   1.00 11.83 ? 68   ASN A CA  1 
ATOM   244 C  C   . ASN A 1 31 ? -2.238  5.884   7.596   1.00 14.04 ? 68   ASN A C   1 
ATOM   245 O  O   . ASN A 1 31 ? -3.064  5.998   8.502   1.00 14.23 ? 68   ASN A O   1 
ATOM   246 C  CB  . ASN A 1 31 ? -0.370  7.507   7.907   1.00 16.22 ? 68   ASN A CB  1 
ATOM   247 C  CG  . ASN A 1 31 ? -1.006  8.259   9.068   1.00 19.93 ? 68   ASN A CG  1 
ATOM   248 O  OD1 . ASN A 1 31 ? -1.454  9.395   8.920   1.00 25.07 ? 68   ASN A OD1 1 
ATOM   249 N  ND2 . ASN A 1 31 ? -1.036  7.629   10.233  1.00 23.74 ? 68   ASN A ND2 1 
ATOM   250 N  N   . TYR A 1 32 ? -2.586  5.625   6.337   1.00 10.79 ? 69   TYR A N   1 
ATOM   251 C  CA  . TYR A 1 32 ? -3.989  5.517   5.952   1.00 12.87 ? 69   TYR A CA  1 
ATOM   252 C  C   . TYR A 1 32 ? -4.495  4.100   5.697   1.00 12.15 ? 69   TYR A C   1 
ATOM   253 O  O   . TYR A 1 32 ? -5.586  3.903   5.158   1.00 15.16 ? 69   TYR A O   1 
ATOM   254 C  CB  . TYR A 1 32 ? -4.234  6.419   4.737   1.00 12.86 ? 69   TYR A CB  1 
ATOM   255 C  CG  . TYR A 1 32 ? -3.979  7.866   5.084   1.00 14.38 ? 69   TYR A CG  1 
ATOM   256 C  CD1 . TYR A 1 32 ? -4.981  8.653   5.659   1.00 17.64 ? 69   TYR A CD1 1 
ATOM   257 C  CD2 . TYR A 1 32 ? -2.711  8.420   4.940   1.00 15.46 ? 69   TYR A CD2 1 
ATOM   258 C  CE1 . TYR A 1 32 ? -4.718  9.956   6.089   1.00 17.29 ? 69   TYR A CE1 1 
ATOM   259 C  CE2 . TYR A 1 32 ? -2.435  9.716   5.367   1.00 17.26 ? 69   TYR A CE2 1 
ATOM   260 C  CZ  . TYR A 1 32 ? -3.442  10.478  5.942   1.00 19.74 ? 69   TYR A CZ  1 
ATOM   261 O  OH  . TYR A 1 32 ? -3.166  11.753  6.384   1.00 21.58 ? 69   TYR A OH  1 
ATOM   262 N  N   . LEU A 1 33 ? -3.696  3.115   6.097   1.00 10.61 ? 70   LEU A N   1 
ATOM   263 C  CA  . LEU A 1 33 ? -4.060  1.716   5.956   1.00 11.33 ? 70   LEU A CA  1 
ATOM   264 C  C   . LEU A 1 33 ? -3.875  1.048   7.323   1.00 11.69 ? 70   LEU A C   1 
ATOM   265 O  O   . LEU A 1 33 ? -2.786  0.584   7.663   1.00 11.80 ? 70   LEU A O   1 
ATOM   266 C  CB  . LEU A 1 33 ? -3.183  1.051   4.890   1.00 11.38 ? 70   LEU A CB  1 
ATOM   267 C  CG  . LEU A 1 33 ? -3.550  1.493   3.465   1.00 16.16 ? 70   LEU A CG  1 
ATOM   268 C  CD1 . LEU A 1 33 ? -2.398  1.260   2.505   1.00 16.07 ? 70   LEU A CD1 1 
ATOM   269 C  CD2 . LEU A 1 33 ? -4.803  0.735   3.023   1.00 17.04 ? 70   LEU A CD2 1 
ATOM   270 N  N   . PRO A 1 34 ? -4.946  1.013   8.136   1.00 11.27 ? 71   PRO A N   1 
ATOM   271 C  CA  . PRO A 1 34 ? -4.893  0.405   9.470   1.00 13.05 ? 71   PRO A CA  1 
ATOM   272 C  C   . PRO A 1 34 ? -4.287  -0.989  9.465   1.00 13.15 ? 71   PRO A C   1 
ATOM   273 O  O   . PRO A 1 34 ? -4.612  -1.820  8.617   1.00 12.79 ? 71   PRO A O   1 
ATOM   274 C  CB  . PRO A 1 34 ? -6.356  0.401   9.907   1.00 12.35 ? 71   PRO A CB  1 
ATOM   275 C  CG  . PRO A 1 34 ? -6.902  1.625   9.232   1.00 13.83 ? 71   PRO A CG  1 
ATOM   276 C  CD  . PRO A 1 34 ? -6.299  1.524   7.849   1.00 12.08 ? 71   PRO A CD  1 
ATOM   277 N  N   . ASN A 1 35 ? -3.395  -1.224  10.424  1.00 13.90 ? 72   ASN A N   1 
ATOM   278 C  CA  . ASN A 1 35 ? -2.710  -2.503  10.576  1.00 16.78 ? 72   ASN A CA  1 
ATOM   279 C  C   . ASN A 1 35 ? -1.679  -2.813  9.497   1.00 16.11 ? 72   ASN A C   1 
ATOM   280 O  O   . ASN A 1 35 ? -1.200  -3.940  9.405   1.00 17.57 ? 72   ASN A O   1 
ATOM   281 C  CB  . ASN A 1 35 ? -3.720  -3.651  10.670  1.00 18.51 ? 72   ASN A CB  1 
ATOM   282 C  CG  . ASN A 1 35 ? -4.414  -3.699  12.015  1.00 20.14 ? 72   ASN A CG  1 
ATOM   283 O  OD1 . ASN A 1 35 ? -3.763  -3.639  13.058  1.00 23.02 ? 72   ASN A OD1 1 
ATOM   284 N  ND2 . ASN A 1 35 ? -5.738  -3.817  12.002  1.00 20.64 ? 72   ASN A ND2 1 
ATOM   285 N  N   . ARG A 1 36 ? -1.341  -1.821  8.681   1.00 13.88 ? 73   ARG A N   1 
ATOM   286 C  CA  . ARG A 1 36 ? -0.332  -2.012  7.640   1.00 12.77 ? 73   ARG A CA  1 
ATOM   287 C  C   . ARG A 1 36 ? 0.824   -1.069  7.937   1.00 12.62 ? 73   ARG A C   1 
ATOM   288 O  O   . ARG A 1 36 ? 0.610   0.104   8.245   1.00 12.96 ? 73   ARG A O   1 
ATOM   289 C  CB  . ARG A 1 36 ? -0.895  -1.689  6.250   1.00 12.31 ? 73   ARG A CB  1 
ATOM   290 C  CG  . ARG A 1 36 ? -2.099  -2.519  5.837   1.00 13.88 ? 73   ARG A CG  1 
ATOM   291 C  CD  . ARG A 1 36 ? -1.801  -4.009  5.875   1.00 13.58 ? 73   ARG A CD  1 
ATOM   292 N  NE  . ARG A 1 36 ? -2.926  -4.775  5.357   1.00 16.23 ? 73   ARG A NE  1 
ATOM   293 C  CZ  . ARG A 1 36 ? -2.978  -6.100  5.320   1.00 18.31 ? 73   ARG A CZ  1 
ATOM   294 N  NH1 . ARG A 1 36 ? -1.959  -6.818  5.775   1.00 17.83 ? 73   ARG A NH1 1 
ATOM   295 N  NH2 . ARG A 1 36 ? -4.052  -6.707  4.832   1.00 20.87 ? 73   ARG A NH2 1 
ATOM   296 N  N   . THR A 1 37 ? 2.044   -1.584  7.855   1.00 12.35 ? 74   THR A N   1 
ATOM   297 C  CA  . THR A 1 37 ? 3.229   -0.775  8.110   1.00 12.81 ? 74   THR A CA  1 
ATOM   298 C  C   . THR A 1 37 ? 3.771   -0.243  6.793   1.00 13.70 ? 74   THR A C   1 
ATOM   299 O  O   . THR A 1 37 ? 3.321   -0.645  5.717   1.00 12.18 ? 74   THR A O   1 
ATOM   300 C  CB  . THR A 1 37 ? 4.344   -1.601  8.763   1.00 15.91 ? 74   THR A CB  1 
ATOM   301 O  OG1 . THR A 1 37 ? 4.708   -2.678  7.892   1.00 15.24 ? 74   THR A OG1 1 
ATOM   302 C  CG2 . THR A 1 37 ? 3.879   -2.160  10.104  1.00 17.02 ? 74   THR A CG2 1 
ATOM   303 N  N   . ASP A 1 38 ? 4.752   0.650   6.880   1.00 13.08 ? 75   ASP A N   1 
ATOM   304 C  CA  . ASP A 1 38 ? 5.354   1.217   5.681   1.00 12.96 ? 75   ASP A CA  1 
ATOM   305 C  C   . ASP A 1 38 ? 5.923   0.123   4.780   1.00 15.25 ? 75   ASP A C   1 
ATOM   306 O  O   . ASP A 1 38 ? 5.722   0.150   3.565   1.00 15.34 ? 75   ASP A O   1 
ATOM   307 C  CB  . ASP A 1 38 ? 6.436   2.243   6.058   1.00 14.99 ? 75   ASP A CB  1 
ATOM   308 C  CG  . ASP A 1 38 ? 7.555   1.656   6.920   1.00 18.47 ? 75   ASP A CG  1 
ATOM   309 O  OD1 . ASP A 1 38 ? 7.391   0.558   7.490   1.00 15.13 ? 75   ASP A OD1 1 
ATOM   310 O  OD2 . ASP A 1 38 ? 8.609   2.316   7.035   1.00 20.46 ? 75   ASP A OD2 1 
ATOM   311 N  N   . VAL A 1 39 ? 6.610   -0.851  5.372   1.00 13.19 ? 76   VAL A N   1 
ATOM   312 C  CA  . VAL A 1 39 ? 7.190   -1.946  4.594   1.00 15.13 ? 76   VAL A CA  1 
ATOM   313 C  C   . VAL A 1 39 ? 6.116   -2.828  3.954   1.00 13.94 ? 76   VAL A C   1 
ATOM   314 O  O   . VAL A 1 39 ? 6.256   -3.257  2.811   1.00 11.66 ? 76   VAL A O   1 
ATOM   315 C  CB  . VAL A 1 39 ? 8.105   -2.842  5.467   1.00 19.61 ? 76   VAL A CB  1 
ATOM   316 C  CG1 . VAL A 1 39 ? 8.720   -3.940  4.617   1.00 22.76 ? 76   VAL A CG1 1 
ATOM   317 C  CG2 . VAL A 1 39 ? 9.199   -2.005  6.107   1.00 23.11 ? 76   VAL A CG2 1 
ATOM   318 N  N   . GLN A 1 40 ? 5.045   -3.104  4.691   1.00 13.40 ? 77   GLN A N   1 
ATOM   319 C  CA  . GLN A 1 40 ? 3.974   -3.934  4.153   1.00 12.32 ? 77   GLN A CA  1 
ATOM   320 C  C   . GLN A 1 40 ? 3.310   -3.241  2.973   1.00 12.47 ? 77   GLN A C   1 
ATOM   321 O  O   . GLN A 1 40 ? 2.909   -3.888  2.004   1.00 13.44 ? 77   GLN A O   1 
ATOM   322 C  CB  . GLN A 1 40 ? 2.933   -4.236  5.235   1.00 12.63 ? 77   GLN A CB  1 
ATOM   323 C  CG  . GLN A 1 40 ? 3.472   -5.081  6.378   1.00 17.82 ? 77   GLN A CG  1 
ATOM   324 C  CD  . GLN A 1 40 ? 2.430   -5.354  7.441   1.00 22.28 ? 77   GLN A CD  1 
ATOM   325 O  OE1 . GLN A 1 40 ? 1.789   -4.436  7.943   1.00 21.07 ? 77   GLN A OE1 1 
ATOM   326 N  NE2 . GLN A 1 40 ? 2.263   -6.624  7.797   1.00 30.12 ? 77   GLN A NE2 1 
ATOM   327 N  N   . CYS A 1 41 ? 3.205   -1.917  3.047   1.00 11.98 ? 78   CYS A N   1 
ATOM   328 C  CA  . CYS A 1 41 ? 2.593   -1.159  1.966   1.00 11.80 ? 78   CYS A CA  1 
ATOM   329 C  C   . CYS A 1 41 ? 3.488   -1.137  0.733   1.00 10.18 ? 78   CYS A C   1 
ATOM   330 O  O   . CYS A 1 41 ? 3.003   -1.303  -0.384  1.00 10.76 ? 78   CYS A O   1 
ATOM   331 C  CB  . CYS A 1 41 ? 2.272   0.263   2.426   1.00 11.78 ? 78   CYS A CB  1 
ATOM   332 S  SG  . CYS A 1 41 ? 0.874   0.320   3.588   1.00 14.12 ? 78   CYS A SG  1 
ATOM   333 N  N   . GLN A 1 42 ? 4.790   -0.941  0.923   1.00 9.74  ? 79   GLN A N   1 
ATOM   334 C  CA  . GLN A 1 42 ? 5.691   -0.933  -0.225  1.00 9.23  ? 79   GLN A CA  1 
ATOM   335 C  C   . GLN A 1 42 ? 5.677   -2.301  -0.902  1.00 12.88 ? 79   GLN A C   1 
ATOM   336 O  O   . GLN A 1 42 ? 5.567   -2.397  -2.125  1.00 13.55 ? 79   GLN A O   1 
ATOM   337 C  CB  . GLN A 1 42 ? 7.124   -0.598  0.190   1.00 10.40 ? 79   GLN A CB  1 
ATOM   338 C  CG  . GLN A 1 42 ? 8.115   -0.713  -0.970  1.00 12.01 ? 79   GLN A CG  1 
ATOM   339 C  CD  . GLN A 1 42 ? 9.559   -0.622  -0.523  1.00 15.58 ? 79   GLN A CD  1 
ATOM   340 O  OE1 . GLN A 1 42 ? 9.927   -1.151  0.520   1.00 18.10 ? 79   GLN A OE1 1 
ATOM   341 N  NE2 . GLN A 1 42 ? 10.390  0.037   -1.324  1.00 16.01 ? 79   GLN A NE2 1 
ATOM   342 N  N   . HIS A 1 43 ? 5.786   -3.362  -0.110  1.00 12.20 ? 80   HIS A N   1 
ATOM   343 C  CA  . HIS A 1 43 ? 5.785   -4.708  -0.675  1.00 12.60 ? 80   HIS A CA  1 
ATOM   344 C  C   . HIS A 1 43 ? 4.500   -5.031  -1.437  1.00 12.77 ? 80   HIS A C   1 
ATOM   345 O  O   . HIS A 1 43 ? 4.548   -5.607  -2.520  1.00 15.28 ? 80   HIS A O   1 
ATOM   346 C  CB  . HIS A 1 43 ? 6.013   -5.750  0.422   1.00 14.63 ? 80   HIS A CB  1 
ATOM   347 C  CG  . HIS A 1 43 ? 7.414   -5.773  0.950   1.00 17.09 ? 80   HIS A CG  1 
ATOM   348 N  ND1 . HIS A 1 43 ? 8.436   -5.041  0.384   1.00 22.65 ? 80   HIS A ND1 1 
ATOM   349 C  CD2 . HIS A 1 43 ? 7.967   -6.452  1.982   1.00 19.07 ? 80   HIS A CD2 1 
ATOM   350 C  CE1 . HIS A 1 43 ? 9.557   -5.268  1.044   1.00 18.02 ? 80   HIS A CE1 1 
ATOM   351 N  NE2 . HIS A 1 43 ? 9.300   -6.122  2.018   1.00 22.84 ? 80   HIS A NE2 1 
ATOM   352 N  N   . ARG A 1 44 ? 3.352   -4.659  -0.880  1.00 11.26 ? 81   ARG A N   1 
ATOM   353 C  CA  . ARG A 1 44 ? 2.079   -4.928  -1.545  1.00 10.29 ? 81   ARG A CA  1 
ATOM   354 C  C   . ARG A 1 44 ? 1.978   -4.141  -2.845  1.00 12.36 ? 81   ARG A C   1 
ATOM   355 O  O   . ARG A 1 44 ? 1.497   -4.648  -3.861  1.00 14.56 ? 81   ARG A O   1 
ATOM   356 C  CB  . ARG A 1 44 ? 0.912   -4.555  -0.627  1.00 8.50  ? 81   ARG A CB  1 
ATOM   357 C  CG  . ARG A 1 44 ? -0.450  -4.884  -1.203  1.00 11.58 ? 81   ARG A CG  1 
ATOM   358 C  CD  . ARG A 1 44 ? -0.611  -6.380  -1.440  1.00 13.21 ? 81   ARG A CD  1 
ATOM   359 N  NE  . ARG A 1 44 ? -1.880  -6.682  -2.093  1.00 15.46 ? 81   ARG A NE  1 
ATOM   360 C  CZ  . ARG A 1 44 ? -2.234  -7.888  -2.523  1.00 18.04 ? 81   ARG A CZ  1 
ATOM   361 N  NH1 . ARG A 1 44 ? -3.413  -8.065  -3.108  1.00 20.48 ? 81   ARG A NH1 1 
ATOM   362 N  NH2 . ARG A 1 44 ? -1.412  -8.918  -2.370  1.00 17.55 ? 81   ARG A NH2 1 
ATOM   363 N  N   . TRP A 1 45 ? 2.438   -2.897  -2.812  1.00 11.34 ? 82   TRP A N   1 
ATOM   364 C  CA  . TRP A 1 45 ? 2.394   -2.054  -3.990  1.00 13.08 ? 82   TRP A CA  1 
ATOM   365 C  C   . TRP A 1 45 ? 3.207   -2.685  -5.118  1.00 15.12 ? 82   TRP A C   1 
ATOM   366 O  O   . TRP A 1 45 ? 2.765   -2.719  -6.265  1.00 15.22 ? 82   TRP A O   1 
ATOM   367 C  CB  . TRP A 1 45 ? 2.940   -0.669  -3.661  1.00 13.23 ? 82   TRP A CB  1 
ATOM   368 C  CG  . TRP A 1 45 ? 2.863   0.274   -4.806  1.00 16.01 ? 82   TRP A CG  1 
ATOM   369 C  CD1 . TRP A 1 45 ? 1.732   0.756   -5.403  1.00 17.61 ? 82   TRP A CD1 1 
ATOM   370 C  CD2 . TRP A 1 45 ? 3.965   0.860   -5.498  1.00 17.10 ? 82   TRP A CD2 1 
ATOM   371 N  NE1 . TRP A 1 45 ? 2.064   1.609   -6.425  1.00 19.09 ? 82   TRP A NE1 1 
ATOM   372 C  CE2 . TRP A 1 45 ? 3.430   1.692   -6.506  1.00 17.61 ? 82   TRP A CE2 1 
ATOM   373 C  CE3 . TRP A 1 45 ? 5.356   0.765   -5.366  1.00 20.66 ? 82   TRP A CE3 1 
ATOM   374 C  CZ2 . TRP A 1 45 ? 4.238   2.426   -7.378  1.00 20.62 ? 82   TRP A CZ2 1 
ATOM   375 C  CZ3 . TRP A 1 45 ? 6.162   1.498   -6.235  1.00 24.14 ? 82   TRP A CZ3 1 
ATOM   376 C  CH2 . TRP A 1 45 ? 5.598   2.317   -7.226  1.00 21.03 ? 82   TRP A CH2 1 
ATOM   377 N  N   . GLN A 1 46 ? 4.396   -3.183  -4.792  1.00 14.72 ? 83   GLN A N   1 
ATOM   378 C  CA  . GLN A 1 46 ? 5.247   -3.821  -5.792  1.00 18.47 ? 83   GLN A CA  1 
ATOM   379 C  C   . GLN A 1 46 ? 4.549   -5.041  -6.395  1.00 19.20 ? 83   GLN A C   1 
ATOM   380 O  O   . GLN A 1 46 ? 4.731   -5.347  -7.573  1.00 23.38 ? 83   GLN A O   1 
ATOM   381 C  CB  . GLN A 1 46 ? 6.575   -4.252  -5.168  1.00 18.21 ? 83   GLN A CB  1 
ATOM   382 C  CG  . GLN A 1 46 ? 7.372   -3.101  -4.562  1.00 19.69 ? 83   GLN A CG  1 
ATOM   383 C  CD  . GLN A 1 46 ? 8.598   -3.579  -3.815  1.00 22.52 ? 83   GLN A CD  1 
ATOM   384 O  OE1 . GLN A 1 46 ? 8.545   -4.562  -3.079  1.00 24.79 ? 83   GLN A OE1 1 
ATOM   385 N  NE2 . GLN A 1 46 ? 9.708   -2.876  -3.991  1.00 28.32 ? 83   GLN A NE2 1 
ATOM   386 N  N   . LYS A 1 47 ? 3.752   -5.727  -5.583  1.00 21.30 ? 84   LYS A N   1 
ATOM   387 C  CA  . LYS A 1 47 ? 3.025   -6.916  -6.028  1.00 24.12 ? 84   LYS A CA  1 
ATOM   388 C  C   . LYS A 1 47 ? 1.852   -6.583  -6.941  1.00 26.95 ? 84   LYS A C   1 
ATOM   389 O  O   . LYS A 1 47 ? 1.627   -7.261  -7.945  1.00 28.45 ? 84   LYS A O   1 
ATOM   390 C  CB  . LYS A 1 47 ? 2.499   -7.698  -4.823  1.00 27.66 ? 84   LYS A CB  1 
ATOM   391 C  CG  . LYS A 1 47 ? 3.570   -8.307  -3.942  1.00 32.38 ? 84   LYS A CG  1 
ATOM   392 C  CD  . LYS A 1 47 ? 2.940   -9.023  -2.757  1.00 36.86 ? 84   LYS A CD  1 
ATOM   393 C  CE  . LYS A 1 47 ? 3.980   -9.744  -1.921  1.00 38.55 ? 84   LYS A CE  1 
ATOM   394 N  NZ  . LYS A 1 47 ? 4.656   -10.803 -2.714  1.00 43.05 ? 84   LYS A NZ  1 
ATOM   395 N  N   . VAL A 1 48 ? 1.100   -5.547  -6.587  1.00 24.52 ? 85   VAL A N   1 
ATOM   396 C  CA  . VAL A 1 48 ? -0.057  -5.145  -7.374  1.00 27.28 ? 85   VAL A CA  1 
ATOM   397 C  C   . VAL A 1 48 ? 0.346   -4.559  -8.723  1.00 29.54 ? 85   VAL A C   1 
ATOM   398 O  O   . VAL A 1 48 ? -0.458  -4.521  -9.654  1.00 30.41 ? 85   VAL A O   1 
ATOM   399 C  CB  . VAL A 1 48 ? -0.926  -4.121  -6.609  1.00 28.67 ? 85   VAL A CB  1 
ATOM   400 C  CG1 . VAL A 1 48 ? -1.435  -4.740  -5.316  1.00 29.00 ? 85   VAL A CG1 1 
ATOM   401 C  CG2 . VAL A 1 48 ? -0.128  -2.870  -6.319  1.00 30.92 ? 85   VAL A CG2 1 
ATOM   402 N  N   . LEU A 1 49 ? 1.589   -4.103  -8.826  1.00 30.05 ? 86   LEU A N   1 
ATOM   403 C  CA  . LEU A 1 49 ? 2.087   -3.540  -10.075 1.00 32.19 ? 86   LEU A CA  1 
ATOM   404 C  C   . LEU A 1 49 ? 2.436   -4.658  -11.052 1.00 33.64 ? 86   LEU A C   1 
ATOM   405 O  O   . LEU A 1 49 ? 2.295   -4.502  -12.264 1.00 33.48 ? 86   LEU A O   1 
ATOM   406 C  CB  . LEU A 1 49 ? 3.332   -2.685  -9.822  1.00 30.05 ? 86   LEU A CB  1 
ATOM   407 C  CG  . LEU A 1 49 ? 3.186   -1.444  -8.941  1.00 31.63 ? 86   LEU A CG  1 
ATOM   408 C  CD1 . LEU A 1 49 ? 4.533   -0.747  -8.842  1.00 32.00 ? 86   LEU A CD1 1 
ATOM   409 C  CD2 . LEU A 1 49 ? 2.140   -0.502  -9.524  1.00 32.90 ? 86   LEU A CD2 1 
ATOM   410 N  N   . ASN A 1 50 ? 2.893   -5.785  -10.517 1.00 35.31 ? 87   ASN A N   1 
ATOM   411 C  CA  . ASN A 1 50 ? 3.272   -6.920  -11.350 1.00 40.08 ? 87   ASN A CA  1 
ATOM   412 C  C   . ASN A 1 50 ? 2.892   -8.240  -10.688 1.00 42.86 ? 87   ASN A C   1 
ATOM   413 O  O   . ASN A 1 50 ? 3.679   -8.820  -9.940  1.00 43.06 ? 87   ASN A O   1 
ATOM   414 C  CB  . ASN A 1 50 ? 4.780   -6.888  -11.618 1.00 40.70 ? 87   ASN A CB  1 
ATOM   415 C  CG  . ASN A 1 50 ? 5.224   -7.960  -12.597 1.00 42.36 ? 87   ASN A CG  1 
ATOM   416 O  OD1 . ASN A 1 50 ? 4.734   -8.030  -13.724 1.00 43.01 ? 87   ASN A OD1 1 
ATOM   417 N  ND2 . ASN A 1 50 ? 6.163   -8.799  -12.172 1.00 40.39 ? 87   ASN A ND2 1 
ATOM   418 N  N   . PRO A 1 51 ? 1.672   -8.733  -10.957 1.00 45.91 ? 88   PRO A N   1 
ATOM   419 C  CA  . PRO A 1 51 ? 1.193   -9.993  -10.382 1.00 49.35 ? 88   PRO A CA  1 
ATOM   420 C  C   . PRO A 1 51 ? 2.230   -11.109 -10.496 1.00 51.81 ? 88   PRO A C   1 
ATOM   421 O  O   . PRO A 1 51 ? 2.469   -11.640 -11.582 1.00 51.99 ? 88   PRO A O   1 
ATOM   422 C  CB  . PRO A 1 51 ? -0.065  -10.276 -11.194 1.00 49.38 ? 88   PRO A CB  1 
ATOM   423 C  CG  . PRO A 1 51 ? -0.598  -8.899  -11.439 1.00 47.80 ? 88   PRO A CG  1 
ATOM   424 C  CD  . PRO A 1 51 ? 0.650   -8.140  -11.839 1.00 46.77 ? 88   PRO A CD  1 
ATOM   425 N  N   . GLU A 1 52 ? 2.842   -11.457 -9.369  1.00 53.75 ? 89   GLU A N   1 
ATOM   426 C  CA  . GLU A 1 52 ? 3.859   -12.503 -9.331  1.00 56.94 ? 89   GLU A CA  1 
ATOM   427 C  C   . GLU A 1 52 ? 3.326   -13.848 -9.812  1.00 57.29 ? 89   GLU A C   1 
ATOM   428 O  O   . GLU A 1 52 ? 2.118   -13.934 -10.120 1.00 57.41 ? 89   GLU A O   1 
ATOM   429 C  CB  . GLU A 1 52 ? 4.401   -12.646 -7.906  1.00 58.72 ? 89   GLU A CB  1 
ATOM   430 C  CG  . GLU A 1 52 ? 3.323   -12.901 -6.864  1.00 62.67 ? 89   GLU A CG  1 
ATOM   431 C  CD  . GLU A 1 52 ? 3.872   -12.941 -5.451  1.00 64.60 ? 89   GLU A CD  1 
ATOM   432 O  OE1 . GLU A 1 52 ? 4.477   -11.936 -5.021  1.00 65.63 ? 89   GLU A OE1 1 
ATOM   433 O  OE2 . GLU A 1 52 ? 3.695   -13.974 -4.771  1.00 64.54 ? 89   GLU A OE2 1 
ATOM   434 O  OXT . GLU A 1 52 ? 4.130   -14.802 -9.874  1.00 57.71 ? 89   GLU A OXT 1 
HETATM 435 NA NA  . NA  B 2 .  ? -1.129  1.789   9.014   1.00 12.51 ? 1090 NA  A NA  1 
HETATM 436 O  O   . HOH C 3 .  ? -0.197  -9.786  4.260   1.00 22.93 ? 2001 HOH A O   1 
HETATM 437 O  O   . HOH C 3 .  ? -7.876  -8.365  5.888   1.00 30.09 ? 2002 HOH A O   1 
HETATM 438 O  O   . HOH C 3 .  ? 1.102   -7.334  4.308   1.00 35.78 ? 2003 HOH A O   1 
HETATM 439 O  O   . HOH C 3 .  ? -10.484 -3.591  3.700   1.00 31.40 ? 2004 HOH A O   1 
HETATM 440 O  O   . HOH C 3 .  ? -12.510 -5.400  0.083   1.00 26.26 ? 2005 HOH A O   1 
HETATM 441 O  O   . HOH C 3 .  ? -12.892 -4.538  2.825   1.00 32.77 ? 2006 HOH A O   1 
HETATM 442 O  O   . HOH C 3 .  ? -6.072  -1.399  6.136   1.00 22.28 ? 2007 HOH A O   1 
HETATM 443 O  O   . HOH C 3 .  ? -10.060 -0.692  3.584   1.00 35.64 ? 2008 HOH A O   1 
HETATM 444 O  O   . HOH C 3 .  ? -0.555  3.592   -7.700  1.00 28.59 ? 2009 HOH A O   1 
HETATM 445 O  O   . HOH C 3 .  ? -14.288 -4.651  -2.178  1.00 47.90 ? 2010 HOH A O   1 
HETATM 446 O  O   . HOH C 3 .  ? -3.676  11.929  -0.653  1.00 26.82 ? 2011 HOH A O   1 
HETATM 447 O  O   . HOH C 3 .  ? 5.117   11.547  0.430   1.00 29.99 ? 2012 HOH A O   1 
HETATM 448 O  O   . HOH C 3 .  ? 2.790   13.051  0.709   1.00 23.63 ? 2013 HOH A O   1 
HETATM 449 O  O   . HOH C 3 .  ? 9.474   3.798   -5.749  1.00 40.44 ? 2014 HOH A O   1 
HETATM 450 O  O   . HOH C 3 .  ? -7.770  11.979  5.995   1.00 38.71 ? 2015 HOH A O   1 
HETATM 451 O  O   . HOH C 3 .  ? 12.575  8.372   0.391   1.00 47.41 ? 2016 HOH A O   1 
HETATM 452 O  O   . HOH C 3 .  ? 11.688  7.079   2.932   1.00 36.95 ? 2017 HOH A O   1 
HETATM 453 O  O   . HOH C 3 .  ? 6.404   12.936  5.236   1.00 51.89 ? 2018 HOH A O   1 
HETATM 454 O  O   . HOH C 3 .  ? 9.298   8.399   6.349   1.00 43.96 ? 2019 HOH A O   1 
HETATM 455 O  O   . HOH C 3 .  ? 4.950   8.911   0.015   1.00 19.98 ? 2020 HOH A O   1 
HETATM 456 O  O   . HOH C 3 .  ? 9.631   5.476   3.251   1.00 17.91 ? 2021 HOH A O   1 
HETATM 457 O  O   . HOH C 3 .  ? 2.872   5.015   9.348   1.00 28.67 ? 2022 HOH A O   1 
HETATM 458 O  O   . HOH C 3 .  ? 0.707   3.013   10.284  1.00 26.19 ? 2023 HOH A O   1 
HETATM 459 O  O   . HOH C 3 .  ? -1.504  4.739   11.958  1.00 39.12 ? 2024 HOH A O   1 
HETATM 460 O  O   . HOH C 3 .  ? -5.164  13.242  7.178   1.00 38.87 ? 2025 HOH A O   1 
HETATM 461 O  O   . HOH C 3 .  ? -4.054  -1.480  14.994  1.00 32.49 ? 2026 HOH A O   1 
HETATM 462 O  O   . HOH C 3 .  ? -1.406  0.636   11.110  1.00 16.81 ? 2027 HOH A O   1 
HETATM 463 O  O   . HOH C 3 .  ? 1.125   0.493   11.740  1.00 42.35 ? 2028 HOH A O   1 
HETATM 464 O  O   . HOH C 3 .  ? 6.243   -4.688  8.894   1.00 37.84 ? 2029 HOH A O   1 
HETATM 465 O  O   . HOH C 3 .  ? 11.695  2.097   7.541   1.00 30.40 ? 2030 HOH A O   1 
HETATM 466 O  O   . HOH C 3 .  ? 5.091   1.990   9.469   1.00 31.45 ? 2031 HOH A O   1 
HETATM 467 O  O   . HOH C 3 .  ? 9.902   4.341   5.800   1.00 29.54 ? 2032 HOH A O   1 
HETATM 468 O  O   . HOH C 3 .  ? 5.874   -7.237  4.132   1.00 34.58 ? 2033 HOH A O   1 
HETATM 469 O  O   . HOH C 3 .  ? 2.713   -6.542  2.220   1.00 28.75 ? 2034 HOH A O   1 
HETATM 470 O  O   . HOH C 3 .  ? 12.340  -2.023  0.925   1.00 16.63 ? 2035 HOH A O   1 
HETATM 471 O  O   . HOH C 3 .  ? 10.489  0.887   -4.086  1.00 41.43 ? 2036 HOH A O   1 
HETATM 472 O  O   . HOH C 3 .  ? 13.158  1.295   -3.095  1.00 28.53 ? 2037 HOH A O   1 
HETATM 473 O  O   . HOH C 3 .  ? 6.716   -7.232  -3.032  1.00 31.13 ? 2038 HOH A O   1 
HETATM 474 O  O   . HOH C 3 .  ? 2.652   -8.108  0.100   1.00 31.22 ? 2039 HOH A O   1 
HETATM 475 O  O   . HOH C 3 .  ? 0.529   -9.547  -0.440  1.00 22.09 ? 2040 HOH A O   1 
HETATM 476 O  O   . HOH C 3 .  ? 3.249   -12.787 -1.456  1.00 32.63 ? 2041 HOH A O   1 
HETATM 477 O  O   . HOH C 3 .  ? -0.160  -4.335  -14.801 1.00 39.85 ? 2042 HOH A O   1 
# 
loop_
_pdbx_poly_seq_scheme.asym_id 
_pdbx_poly_seq_scheme.entity_id 
_pdbx_poly_seq_scheme.seq_id 
_pdbx_poly_seq_scheme.mon_id 
_pdbx_poly_seq_scheme.ndb_seq_num 
_pdbx_poly_seq_scheme.pdb_seq_num 
_pdbx_poly_seq_scheme.auth_seq_num 
_pdbx_poly_seq_scheme.pdb_mon_id 
_pdbx_poly_seq_scheme.auth_mon_id 
_pdbx_poly_seq_scheme.pdb_strand_id 
_pdbx_poly_seq_scheme.pdb_ins_code 
_pdbx_poly_seq_scheme.hetero 
A 1 1  LEU 1  38 ?  ?   ?   A . n 
A 1 2  GLY 2  39 ?  ?   ?   A . n 
A 1 3  LYS 3  40 40 LYS LYS A . n 
A 1 4  THR 4  41 41 THR THR A . n 
A 1 5  ARG 5  42 42 ARG ARG A . n 
A 1 6  TRP 6  43 43 TRP TRP A . n 
A 1 7  THR 7  44 44 THR THR A . n 
A 1 8  ARG 8  45 45 ARG ARG A . n 
A 1 9  GLU 9  46 46 GLU GLU A . n 
A 1 10 GLU 10 47 47 GLU GLU A . n 
A 1 11 ASP 11 48 48 ASP ASP A . n 
A 1 12 GLU 12 49 49 GLU GLU A . n 
A 1 13 LYS 13 50 50 LYS LYS A . n 
A 1 14 LEU 14 51 51 LEU LEU A . n 
A 1 15 LYS 15 52 52 LYS LYS A . n 
A 1 16 LYS 16 53 53 LYS LYS A . n 
A 1 17 LEU 17 54 54 LEU LEU A . n 
A 1 18 VAL 18 55 55 VAL VAL A . n 
A 1 19 GLU 19 56 56 GLU GLU A . n 
A 1 20 GLN 20 57 57 GLN GLN A . n 
A 1 21 ASN 21 58 58 ASN ASN A . n 
A 1 22 GLY 22 59 59 GLY GLY A . n 
A 1 23 THR 23 60 60 THR THR A . n 
A 1 24 ASP 24 61 61 ASP ASP A . n 
A 1 25 ASP 25 62 62 ASP ASP A . n 
A 1 26 TRP 26 63 63 TRP TRP A . n 
A 1 27 LYS 27 64 64 LYS LYS A . n 
A 1 28 VAL 28 65 65 VAL VAL A . n 
A 1 29 ILE 29 66 66 ILE ILE A . n 
A 1 30 ALA 30 67 67 ALA ALA A . n 
A 1 31 ASN 31 68 68 ASN ASN A . n 
A 1 32 TYR 32 69 69 TYR TYR A . n 
A 1 33 LEU 33 70 70 LEU LEU A . n 
A 1 34 PRO 34 71 71 PRO PRO A . n 
A 1 35 ASN 35 72 72 ASN ASN A . n 
A 1 36 ARG 36 73 73 ARG ARG A . n 
A 1 37 THR 37 74 74 THR THR A . n 
A 1 38 ASP 38 75 75 ASP ASP A . n 
A 1 39 VAL 39 76 76 VAL VAL A . n 
A 1 40 GLN 40 77 77 GLN GLN A . n 
A 1 41 CYS 41 78 78 CYS CYS A . n 
A 1 42 GLN 42 79 79 GLN GLN A . n 
A 1 43 HIS 43 80 80 HIS HIS A . n 
A 1 44 ARG 44 81 81 ARG ARG A . n 
A 1 45 TRP 45 82 82 TRP TRP A . n 
A 1 46 GLN 46 83 83 GLN GLN A . n 
A 1 47 LYS 47 84 84 LYS LYS A . n 
A 1 48 VAL 48 85 85 VAL VAL A . n 
A 1 49 LEU 49 86 86 LEU LEU A . n 
A 1 50 ASN 50 87 87 ASN ASN A . n 
A 1 51 PRO 51 88 88 PRO PRO A . n 
A 1 52 GLU 52 89 89 GLU GLU A . n 
# 
loop_
_pdbx_nonpoly_scheme.asym_id 
_pdbx_nonpoly_scheme.entity_id 
_pdbx_nonpoly_scheme.mon_id 
_pdbx_nonpoly_scheme.ndb_seq_num 
_pdbx_nonpoly_scheme.pdb_seq_num 
_pdbx_nonpoly_scheme.auth_seq_num 
_pdbx_nonpoly_scheme.pdb_mon_id 
_pdbx_nonpoly_scheme.auth_mon_id 
_pdbx_nonpoly_scheme.pdb_strand_id 
_pdbx_nonpoly_scheme.pdb_ins_code 
B 2 NA  1  1090 1090 NA  NA  A . 
C 3 HOH 1  2001 2001 HOH HOH A . 
C 3 HOH 2  2002 2002 HOH HOH A . 
C 3 HOH 3  2003 2003 HOH HOH A . 
C 3 HOH 4  2004 2004 HOH HOH A . 
C 3 HOH 5  2005 2005 HOH HOH A . 
C 3 HOH 6  2006 2006 HOH HOH A . 
C 3 HOH 7  2007 2007 HOH HOH A . 
C 3 HOH 8  2008 2008 HOH HOH A . 
C 3 HOH 9  2009 2009 HOH HOH A . 
C 3 HOH 10 2010 2010 HOH HOH A . 
C 3 HOH 11 2011 2011 HOH HOH A . 
C 3 HOH 12 2012 2012 HOH HOH A . 
C 3 HOH 13 2013 2013 HOH HOH A . 
C 3 HOH 14 2014 2014 HOH HOH A . 
C 3 HOH 15 2015 2015 HOH HOH A . 
C 3 HOH 16 2016 2016 HOH HOH A . 
C 3 HOH 17 2017 2017 HOH HOH A . 
C 3 HOH 18 2018 2018 HOH HOH A . 
C 3 HOH 19 2019 2019 HOH HOH A . 
C 3 HOH 20 2020 2020 HOH HOH A . 
C 3 HOH 21 2021 2021 HOH HOH A . 
C 3 HOH 22 2022 2022 HOH HOH A . 
C 3 HOH 23 2023 2023 HOH HOH A . 
C 3 HOH 24 2024 2024 HOH HOH A . 
C 3 HOH 25 2025 2025 HOH HOH A . 
C 3 HOH 26 2026 2026 HOH HOH A . 
C 3 HOH 27 2027 2027 HOH HOH A . 
C 3 HOH 28 2028 2028 HOH HOH A . 
C 3 HOH 29 2029 2029 HOH HOH A . 
C 3 HOH 30 2030 2030 HOH HOH A . 
C 3 HOH 31 2031 2031 HOH HOH A . 
C 3 HOH 32 2032 2032 HOH HOH A . 
C 3 HOH 33 2033 2033 HOH HOH A . 
C 3 HOH 34 2034 2034 HOH HOH A . 
C 3 HOH 35 2035 2035 HOH HOH A . 
C 3 HOH 36 2036 2036 HOH HOH A . 
C 3 HOH 37 2037 2037 HOH HOH A . 
C 3 HOH 38 2038 2038 HOH HOH A . 
C 3 HOH 39 2039 2039 HOH HOH A . 
C 3 HOH 40 2040 2040 HOH HOH A . 
C 3 HOH 41 2041 2041 HOH HOH A . 
C 3 HOH 42 2042 2042 HOH HOH A . 
# 
_pdbx_struct_assembly.id                   1 
_pdbx_struct_assembly.details              author_and_software_defined_assembly 
_pdbx_struct_assembly.method_details       PQS 
_pdbx_struct_assembly.oligomeric_details   monomeric 
_pdbx_struct_assembly.oligomeric_count     1 
# 
_pdbx_struct_assembly_gen.assembly_id       1 
_pdbx_struct_assembly_gen.oper_expression   1 
_pdbx_struct_assembly_gen.asym_id_list      A,B,C 
# 
_pdbx_struct_oper_list.id                   1 
_pdbx_struct_oper_list.type                 'identity operation' 
_pdbx_struct_oper_list.name                 1_555 
_pdbx_struct_oper_list.symmetry_operation   x,y,z 
_pdbx_struct_oper_list.matrix[1][1]         1.0000000000 
_pdbx_struct_oper_list.matrix[1][2]         0.0000000000 
_pdbx_struct_oper_list.matrix[1][3]         0.0000000000 
_pdbx_struct_oper_list.vector[1]            0.0000000000 
_pdbx_struct_oper_list.matrix[2][1]         0.0000000000 
_pdbx_struct_oper_list.matrix[2][2]         1.0000000000 
_pdbx_struct_oper_list.matrix[2][3]         0.0000000000 
_pdbx_struct_oper_list.vector[2]            0.0000000000 
_pdbx_struct_oper_list.matrix[3][1]         0.0000000000 
_pdbx_struct_oper_list.matrix[3][2]         0.0000000000 
_pdbx_struct_oper_list.matrix[3][3]         1.0000000000 
_pdbx_struct_oper_list.vector[3]            0.0000000000 
# 
loop_
_pdbx_struct_conn_angle.id 
_pdbx_struct_conn_angle.ptnr1_label_atom_id 
_pdbx_struct_conn_angle.ptnr1_label_alt_id 
_pdbx_struct_conn_angle.ptnr1_label_asym_id 
_pdbx_struct_conn_angle.ptnr1_label_comp_id 
_pdbx_struct_conn_angle.ptnr1_label_seq_id 
_pdbx_struct_conn_angle.ptnr1_auth_atom_id 
_pdbx_struct_conn_angle.ptnr1_auth_asym_id 
_pdbx_struct_conn_angle.ptnr1_auth_comp_id 
_pdbx_struct_conn_angle.ptnr1_auth_seq_id 
_pdbx_struct_conn_angle.ptnr1_PDB_ins_code 
_pdbx_struct_conn_angle.ptnr1_symmetry 
_pdbx_struct_conn_angle.ptnr2_label_atom_id 
_pdbx_struct_conn_angle.ptnr2_label_alt_id 
_pdbx_struct_conn_angle.ptnr2_label_asym_id 
_pdbx_struct_conn_angle.ptnr2_label_comp_id 
_pdbx_struct_conn_angle.ptnr2_label_seq_id 
_pdbx_struct_conn_angle.ptnr2_auth_atom_id 
_pdbx_struct_conn_angle.ptnr2_auth_asym_id 
_pdbx_struct_conn_angle.ptnr2_auth_comp_id 
_pdbx_struct_conn_angle.ptnr2_auth_seq_id 
_pdbx_struct_conn_angle.ptnr2_PDB_ins_code 
_pdbx_struct_conn_angle.ptnr2_symmetry 
_pdbx_struct_conn_angle.ptnr3_label_atom_id 
_pdbx_struct_conn_angle.ptnr3_label_alt_id 
_pdbx_struct_conn_angle.ptnr3_label_asym_id 
_pdbx_struct_conn_angle.ptnr3_label_comp_id 
_pdbx_struct_conn_angle.ptnr3_label_seq_id 
_pdbx_struct_conn_angle.ptnr3_auth_atom_id 
_pdbx_struct_conn_angle.ptnr3_auth_asym_id 
_pdbx_struct_conn_angle.ptnr3_auth_comp_id 
_pdbx_struct_conn_angle.ptnr3_auth_seq_id 
_pdbx_struct_conn_angle.ptnr3_PDB_ins_code 
_pdbx_struct_conn_angle.ptnr3_symmetry 
_pdbx_struct_conn_angle.value 
_pdbx_struct_conn_angle.value_esd 
1  O ? A ALA 30 ? A ALA 67   ? 1_555 NA ? B NA . ? A NA 1090 ? 1_555 O ? A LEU 33 ? A LEU 70   ? 1_555 89.0  ? 
2  O ? A ALA 30 ? A ALA 67   ? 1_555 NA ? B NA . ? A NA 1090 ? 1_555 O ? A ARG 36 ? A ARG 73   ? 1_555 99.0  ? 
3  O ? A LEU 33 ? A LEU 70   ? 1_555 NA ? B NA . ? A NA 1090 ? 1_555 O ? A ARG 36 ? A ARG 73   ? 1_555 88.3  ? 
4  O ? A ALA 30 ? A ALA 67   ? 1_555 NA ? B NA . ? A NA 1090 ? 1_555 O ? C HOH .  ? A HOH 2023 ? 1_555 89.0  ? 
5  O ? A LEU 33 ? A LEU 70   ? 1_555 NA ? B NA . ? A NA 1090 ? 1_555 O ? C HOH .  ? A HOH 2023 ? 1_555 176.0 ? 
6  O ? A ARG 36 ? A ARG 73   ? 1_555 NA ? B NA . ? A NA 1090 ? 1_555 O ? C HOH .  ? A HOH 2023 ? 1_555 88.6  ? 
7  O ? A ALA 30 ? A ALA 67   ? 1_555 NA ? B NA . ? A NA 1090 ? 1_555 O ? C HOH .  ? A HOH 2027 ? 1_555 166.8 ? 
8  O ? A LEU 33 ? A LEU 70   ? 1_555 NA ? B NA . ? A NA 1090 ? 1_555 O ? C HOH .  ? A HOH 2027 ? 1_555 99.6  ? 
9  O ? A ARG 36 ? A ARG 73   ? 1_555 NA ? B NA . ? A NA 1090 ? 1_555 O ? C HOH .  ? A HOH 2027 ? 1_555 91.4  ? 
10 O ? C HOH .  ? A HOH 2023 ? 1_555 NA ? B NA . ? A NA 1090 ? 1_555 O ? C HOH .  ? A HOH 2027 ? 1_555 83.1  ? 
# 
loop_
_pdbx_audit_revision_history.ordinal 
_pdbx_audit_revision_history.data_content_type 
_pdbx_audit_revision_history.major_revision 
_pdbx_audit_revision_history.minor_revision 
_pdbx_audit_revision_history.revision_date 
1 'Structure model' 1 0 2003-06-26 
2 'Structure model' 1 1 2011-05-08 
3 'Structure model' 1 2 2011-07-13 
4 'Structure model' 1 3 2023-12-13 
# 
_pdbx_audit_revision_details.ordinal             1 
_pdbx_audit_revision_details.revision_ordinal    1 
_pdbx_audit_revision_details.data_content_type   'Structure model' 
_pdbx_audit_revision_details.provider            repository 
_pdbx_audit_revision_details.type                'Initial release' 
_pdbx_audit_revision_details.description         ? 
_pdbx_audit_revision_details.details             ? 
# 
loop_
_pdbx_audit_revision_group.ordinal 
_pdbx_audit_revision_group.revision_ordinal 
_pdbx_audit_revision_group.data_content_type 
_pdbx_audit_revision_group.group 
1 2 'Structure model' 'Version format compliance' 
2 3 'Structure model' 'Version format compliance' 
3 4 'Structure model' 'Data collection'           
4 4 'Structure model' 'Database references'       
5 4 'Structure model' 'Derived calculations'      
6 4 'Structure model' Other                       
7 4 'Structure model' 'Refinement description'    
# 
loop_
_pdbx_audit_revision_category.ordinal 
_pdbx_audit_revision_category.revision_ordinal 
_pdbx_audit_revision_category.data_content_type 
_pdbx_audit_revision_category.category 
1 4 'Structure model' chem_comp_atom                
2 4 'Structure model' chem_comp_bond                
3 4 'Structure model' database_2                    
4 4 'Structure model' pdbx_database_status          
5 4 'Structure model' pdbx_initial_refinement_model 
6 4 'Structure model' pdbx_struct_conn_angle        
7 4 'Structure model' struct_conn                   
# 
loop_
_pdbx_audit_revision_item.ordinal 
_pdbx_audit_revision_item.revision_ordinal 
_pdbx_audit_revision_item.data_content_type 
_pdbx_audit_revision_item.item 
1  4 'Structure model' '_database_2.pdbx_DOI'                        
2  4 'Structure model' '_database_2.pdbx_database_accession'         
3  4 'Structure model' '_pdbx_database_status.status_code_sf'        
4  4 'Structure model' '_pdbx_struct_conn_angle.ptnr1_auth_comp_id'  
5  4 'Structure model' '_pdbx_struct_conn_angle.ptnr1_auth_seq_id'   
6  4 'Structure model' '_pdbx_struct_conn_angle.ptnr1_label_comp_id' 
7  4 'Structure model' '_pdbx_struct_conn_angle.ptnr1_label_seq_id'  
8  4 'Structure model' '_pdbx_struct_conn_angle.ptnr3_auth_comp_id'  
9  4 'Structure model' '_pdbx_struct_conn_angle.ptnr3_auth_seq_id'   
10 4 'Structure model' '_pdbx_struct_conn_angle.ptnr3_label_comp_id' 
11 4 'Structure model' '_pdbx_struct_conn_angle.ptnr3_label_seq_id'  
12 4 'Structure model' '_pdbx_struct_conn_angle.value'               
13 4 'Structure model' '_struct_conn.pdbx_dist_value'                
14 4 'Structure model' '_struct_conn.ptnr1_auth_comp_id'             
15 4 'Structure model' '_struct_conn.ptnr1_auth_seq_id'              
16 4 'Structure model' '_struct_conn.ptnr1_label_asym_id'            
17 4 'Structure model' '_struct_conn.ptnr1_label_atom_id'            
18 4 'Structure model' '_struct_conn.ptnr1_label_comp_id'            
19 4 'Structure model' '_struct_conn.ptnr1_label_seq_id'             
20 4 'Structure model' '_struct_conn.ptnr2_auth_comp_id'             
21 4 'Structure model' '_struct_conn.ptnr2_auth_seq_id'              
22 4 'Structure model' '_struct_conn.ptnr2_label_asym_id'            
23 4 'Structure model' '_struct_conn.ptnr2_label_atom_id'            
24 4 'Structure model' '_struct_conn.ptnr2_label_comp_id'            
25 4 'Structure model' '_struct_conn.ptnr2_label_seq_id'             
# 
loop_
_software.name 
_software.classification 
_software.version 
_software.citation_id 
_software.pdbx_ordinal 
CNS       refinement       1.0 ? 1 
DENZO     'data reduction' .   ? 2 
SCALEPACK 'data scaling'   .   ? 3 
X-PLOR    phasing          .   ? 4 
# 
_pdbx_validate_torsion.id              1 
_pdbx_validate_torsion.PDB_model_num   1 
_pdbx_validate_torsion.auth_comp_id    PRO 
_pdbx_validate_torsion.auth_asym_id    A 
_pdbx_validate_torsion.auth_seq_id     88 
_pdbx_validate_torsion.PDB_ins_code    ? 
_pdbx_validate_torsion.label_alt_id    ? 
_pdbx_validate_torsion.phi             -46.92 
_pdbx_validate_torsion.psi             106.88 
# 
loop_
_pdbx_unobs_or_zero_occ_residues.id 
_pdbx_unobs_or_zero_occ_residues.PDB_model_num 
_pdbx_unobs_or_zero_occ_residues.polymer_flag 
_pdbx_unobs_or_zero_occ_residues.occupancy_flag 
_pdbx_unobs_or_zero_occ_residues.auth_asym_id 
_pdbx_unobs_or_zero_occ_residues.auth_comp_id 
_pdbx_unobs_or_zero_occ_residues.auth_seq_id 
_pdbx_unobs_or_zero_occ_residues.PDB_ins_code 
_pdbx_unobs_or_zero_occ_residues.label_asym_id 
_pdbx_unobs_or_zero_occ_residues.label_comp_id 
_pdbx_unobs_or_zero_occ_residues.label_seq_id 
1 1 Y 1 A LEU 38 ? A LEU 1 
2 1 Y 1 A GLY 39 ? A GLY 2 
# 
loop_
_chem_comp_atom.comp_id 
_chem_comp_atom.atom_id 
_chem_comp_atom.type_symbol 
_chem_comp_atom.pdbx_aromatic_flag 
_chem_comp_atom.pdbx_stereo_config 
_chem_comp_atom.pdbx_ordinal 
ALA N    N  N N 1   
ALA CA   C  N S 2   
ALA C    C  N N 3   
ALA O    O  N N 4   
ALA CB   C  N N 5   
ALA OXT  O  N N 6   
ALA H    H  N N 7   
ALA H2   H  N N 8   
ALA HA   H  N N 9   
ALA HB1  H  N N 10  
ALA HB2  H  N N 11  
ALA HB3  H  N N 12  
ALA HXT  H  N N 13  
ARG N    N  N N 14  
ARG CA   C  N S 15  
ARG C    C  N N 16  
ARG O    O  N N 17  
ARG CB   C  N N 18  
ARG CG   C  N N 19  
ARG CD   C  N N 20  
ARG NE   N  N N 21  
ARG CZ   C  N N 22  
ARG NH1  N  N N 23  
ARG NH2  N  N N 24  
ARG OXT  O  N N 25  
ARG H    H  N N 26  
ARG H2   H  N N 27  
ARG HA   H  N N 28  
ARG HB2  H  N N 29  
ARG HB3  H  N N 30  
ARG HG2  H  N N 31  
ARG HG3  H  N N 32  
ARG HD2  H  N N 33  
ARG HD3  H  N N 34  
ARG HE   H  N N 35  
ARG HH11 H  N N 36  
ARG HH12 H  N N 37  
ARG HH21 H  N N 38  
ARG HH22 H  N N 39  
ARG HXT  H  N N 40  
ASN N    N  N N 41  
ASN CA   C  N S 42  
ASN C    C  N N 43  
ASN O    O  N N 44  
ASN CB   C  N N 45  
ASN CG   C  N N 46  
ASN OD1  O  N N 47  
ASN ND2  N  N N 48  
ASN OXT  O  N N 49  
ASN H    H  N N 50  
ASN H2   H  N N 51  
ASN HA   H  N N 52  
ASN HB2  H  N N 53  
ASN HB3  H  N N 54  
ASN HD21 H  N N 55  
ASN HD22 H  N N 56  
ASN HXT  H  N N 57  
ASP N    N  N N 58  
ASP CA   C  N S 59  
ASP C    C  N N 60  
ASP O    O  N N 61  
ASP CB   C  N N 62  
ASP CG   C  N N 63  
ASP OD1  O  N N 64  
ASP OD2  O  N N 65  
ASP OXT  O  N N 66  
ASP H    H  N N 67  
ASP H2   H  N N 68  
ASP HA   H  N N 69  
ASP HB2  H  N N 70  
ASP HB3  H  N N 71  
ASP HD2  H  N N 72  
ASP HXT  H  N N 73  
CYS N    N  N N 74  
CYS CA   C  N R 75  
CYS C    C  N N 76  
CYS O    O  N N 77  
CYS CB   C  N N 78  
CYS SG   S  N N 79  
CYS OXT  O  N N 80  
CYS H    H  N N 81  
CYS H2   H  N N 82  
CYS HA   H  N N 83  
CYS HB2  H  N N 84  
CYS HB3  H  N N 85  
CYS HG   H  N N 86  
CYS HXT  H  N N 87  
GLN N    N  N N 88  
GLN CA   C  N S 89  
GLN C    C  N N 90  
GLN O    O  N N 91  
GLN CB   C  N N 92  
GLN CG   C  N N 93  
GLN CD   C  N N 94  
GLN OE1  O  N N 95  
GLN NE2  N  N N 96  
GLN OXT  O  N N 97  
GLN H    H  N N 98  
GLN H2   H  N N 99  
GLN HA   H  N N 100 
GLN HB2  H  N N 101 
GLN HB3  H  N N 102 
GLN HG2  H  N N 103 
GLN HG3  H  N N 104 
GLN HE21 H  N N 105 
GLN HE22 H  N N 106 
GLN HXT  H  N N 107 
GLU N    N  N N 108 
GLU CA   C  N S 109 
GLU C    C  N N 110 
GLU O    O  N N 111 
GLU CB   C  N N 112 
GLU CG   C  N N 113 
GLU CD   C  N N 114 
GLU OE1  O  N N 115 
GLU OE2  O  N N 116 
GLU OXT  O  N N 117 
GLU H    H  N N 118 
GLU H2   H  N N 119 
GLU HA   H  N N 120 
GLU HB2  H  N N 121 
GLU HB3  H  N N 122 
GLU HG2  H  N N 123 
GLU HG3  H  N N 124 
GLU HE2  H  N N 125 
GLU HXT  H  N N 126 
GLY N    N  N N 127 
GLY CA   C  N N 128 
GLY C    C  N N 129 
GLY O    O  N N 130 
GLY OXT  O  N N 131 
GLY H    H  N N 132 
GLY H2   H  N N 133 
GLY HA2  H  N N 134 
GLY HA3  H  N N 135 
GLY HXT  H  N N 136 
HIS N    N  N N 137 
HIS CA   C  N S 138 
HIS C    C  N N 139 
HIS O    O  N N 140 
HIS CB   C  N N 141 
HIS CG   C  Y N 142 
HIS ND1  N  Y N 143 
HIS CD2  C  Y N 144 
HIS CE1  C  Y N 145 
HIS NE2  N  Y N 146 
HIS OXT  O  N N 147 
HIS H    H  N N 148 
HIS H2   H  N N 149 
HIS HA   H  N N 150 
HIS HB2  H  N N 151 
HIS HB3  H  N N 152 
HIS HD1  H  N N 153 
HIS HD2  H  N N 154 
HIS HE1  H  N N 155 
HIS HE2  H  N N 156 
HIS HXT  H  N N 157 
HOH O    O  N N 158 
HOH H1   H  N N 159 
HOH H2   H  N N 160 
ILE N    N  N N 161 
ILE CA   C  N S 162 
ILE C    C  N N 163 
ILE O    O  N N 164 
ILE CB   C  N S 165 
ILE CG1  C  N N 166 
ILE CG2  C  N N 167 
ILE CD1  C  N N 168 
ILE OXT  O  N N 169 
ILE H    H  N N 170 
ILE H2   H  N N 171 
ILE HA   H  N N 172 
ILE HB   H  N N 173 
ILE HG12 H  N N 174 
ILE HG13 H  N N 175 
ILE HG21 H  N N 176 
ILE HG22 H  N N 177 
ILE HG23 H  N N 178 
ILE HD11 H  N N 179 
ILE HD12 H  N N 180 
ILE HD13 H  N N 181 
ILE HXT  H  N N 182 
LEU N    N  N N 183 
LEU CA   C  N S 184 
LEU C    C  N N 185 
LEU O    O  N N 186 
LEU CB   C  N N 187 
LEU CG   C  N N 188 
LEU CD1  C  N N 189 
LEU CD2  C  N N 190 
LEU OXT  O  N N 191 
LEU H    H  N N 192 
LEU H2   H  N N 193 
LEU HA   H  N N 194 
LEU HB2  H  N N 195 
LEU HB3  H  N N 196 
LEU HG   H  N N 197 
LEU HD11 H  N N 198 
LEU HD12 H  N N 199 
LEU HD13 H  N N 200 
LEU HD21 H  N N 201 
LEU HD22 H  N N 202 
LEU HD23 H  N N 203 
LEU HXT  H  N N 204 
LYS N    N  N N 205 
LYS CA   C  N S 206 
LYS C    C  N N 207 
LYS O    O  N N 208 
LYS CB   C  N N 209 
LYS CG   C  N N 210 
LYS CD   C  N N 211 
LYS CE   C  N N 212 
LYS NZ   N  N N 213 
LYS OXT  O  N N 214 
LYS H    H  N N 215 
LYS H2   H  N N 216 
LYS HA   H  N N 217 
LYS HB2  H  N N 218 
LYS HB3  H  N N 219 
LYS HG2  H  N N 220 
LYS HG3  H  N N 221 
LYS HD2  H  N N 222 
LYS HD3  H  N N 223 
LYS HE2  H  N N 224 
LYS HE3  H  N N 225 
LYS HZ1  H  N N 226 
LYS HZ2  H  N N 227 
LYS HZ3  H  N N 228 
LYS HXT  H  N N 229 
NA  NA   NA N N 230 
PRO N    N  N N 231 
PRO CA   C  N S 232 
PRO C    C  N N 233 
PRO O    O  N N 234 
PRO CB   C  N N 235 
PRO CG   C  N N 236 
PRO CD   C  N N 237 
PRO OXT  O  N N 238 
PRO H    H  N N 239 
PRO HA   H  N N 240 
PRO HB2  H  N N 241 
PRO HB3  H  N N 242 
PRO HG2  H  N N 243 
PRO HG3  H  N N 244 
PRO HD2  H  N N 245 
PRO HD3  H  N N 246 
PRO HXT  H  N N 247 
THR N    N  N N 248 
THR CA   C  N S 249 
THR C    C  N N 250 
THR O    O  N N 251 
THR CB   C  N R 252 
THR OG1  O  N N 253 
THR CG2  C  N N 254 
THR OXT  O  N N 255 
THR H    H  N N 256 
THR H2   H  N N 257 
THR HA   H  N N 258 
THR HB   H  N N 259 
THR HG1  H  N N 260 
THR HG21 H  N N 261 
THR HG22 H  N N 262 
THR HG23 H  N N 263 
THR HXT  H  N N 264 
TRP N    N  N N 265 
TRP CA   C  N S 266 
TRP C    C  N N 267 
TRP O    O  N N 268 
TRP CB   C  N N 269 
TRP CG   C  Y N 270 
TRP CD1  C  Y N 271 
TRP CD2  C  Y N 272 
TRP NE1  N  Y N 273 
TRP CE2  C  Y N 274 
TRP CE3  C  Y N 275 
TRP CZ2  C  Y N 276 
TRP CZ3  C  Y N 277 
TRP CH2  C  Y N 278 
TRP OXT  O  N N 279 
TRP H    H  N N 280 
TRP H2   H  N N 281 
TRP HA   H  N N 282 
TRP HB2  H  N N 283 
TRP HB3  H  N N 284 
TRP HD1  H  N N 285 
TRP HE1  H  N N 286 
TRP HE3  H  N N 287 
TRP HZ2  H  N N 288 
TRP HZ3  H  N N 289 
TRP HH2  H  N N 290 
TRP HXT  H  N N 291 
TYR N    N  N N 292 
TYR CA   C  N S 293 
TYR C    C  N N 294 
TYR O    O  N N 295 
TYR CB   C  N N 296 
TYR CG   C  Y N 297 
TYR CD1  C  Y N 298 
TYR CD2  C  Y N 299 
TYR CE1  C  Y N 300 
TYR CE2  C  Y N 301 
TYR CZ   C  Y N 302 
TYR OH   O  N N 303 
TYR OXT  O  N N 304 
TYR H    H  N N 305 
TYR H2   H  N N 306 
TYR HA   H  N N 307 
TYR HB2  H  N N 308 
TYR HB3  H  N N 309 
TYR HD1  H  N N 310 
TYR HD2  H  N N 311 
TYR HE1  H  N N 312 
TYR HE2  H  N N 313 
TYR HH   H  N N 314 
TYR HXT  H  N N 315 
VAL N    N  N N 316 
VAL CA   C  N S 317 
VAL C    C  N N 318 
VAL O    O  N N 319 
VAL CB   C  N N 320 
VAL CG1  C  N N 321 
VAL CG2  C  N N 322 
VAL OXT  O  N N 323 
VAL H    H  N N 324 
VAL H2   H  N N 325 
VAL HA   H  N N 326 
VAL HB   H  N N 327 
VAL HG11 H  N N 328 
VAL HG12 H  N N 329 
VAL HG13 H  N N 330 
VAL HG21 H  N N 331 
VAL HG22 H  N N 332 
VAL HG23 H  N N 333 
VAL HXT  H  N N 334 
# 
loop_
_chem_comp_bond.comp_id 
_chem_comp_bond.atom_id_1 
_chem_comp_bond.atom_id_2 
_chem_comp_bond.value_order 
_chem_comp_bond.pdbx_aromatic_flag 
_chem_comp_bond.pdbx_stereo_config 
_chem_comp_bond.pdbx_ordinal 
ALA N   CA   sing N N 1   
ALA N   H    sing N N 2   
ALA N   H2   sing N N 3   
ALA CA  C    sing N N 4   
ALA CA  CB   sing N N 5   
ALA CA  HA   sing N N 6   
ALA C   O    doub N N 7   
ALA C   OXT  sing N N 8   
ALA CB  HB1  sing N N 9   
ALA CB  HB2  sing N N 10  
ALA CB  HB3  sing N N 11  
ALA OXT HXT  sing N N 12  
ARG N   CA   sing N N 13  
ARG N   H    sing N N 14  
ARG N   H2   sing N N 15  
ARG CA  C    sing N N 16  
ARG CA  CB   sing N N 17  
ARG CA  HA   sing N N 18  
ARG C   O    doub N N 19  
ARG C   OXT  sing N N 20  
ARG CB  CG   sing N N 21  
ARG CB  HB2  sing N N 22  
ARG CB  HB3  sing N N 23  
ARG CG  CD   sing N N 24  
ARG CG  HG2  sing N N 25  
ARG CG  HG3  sing N N 26  
ARG CD  NE   sing N N 27  
ARG CD  HD2  sing N N 28  
ARG CD  HD3  sing N N 29  
ARG NE  CZ   sing N N 30  
ARG NE  HE   sing N N 31  
ARG CZ  NH1  sing N N 32  
ARG CZ  NH2  doub N N 33  
ARG NH1 HH11 sing N N 34  
ARG NH1 HH12 sing N N 35  
ARG NH2 HH21 sing N N 36  
ARG NH2 HH22 sing N N 37  
ARG OXT HXT  sing N N 38  
ASN N   CA   sing N N 39  
ASN N   H    sing N N 40  
ASN N   H2   sing N N 41  
ASN CA  C    sing N N 42  
ASN CA  CB   sing N N 43  
ASN CA  HA   sing N N 44  
ASN C   O    doub N N 45  
ASN C   OXT  sing N N 46  
ASN CB  CG   sing N N 47  
ASN CB  HB2  sing N N 48  
ASN CB  HB3  sing N N 49  
ASN CG  OD1  doub N N 50  
ASN CG  ND2  sing N N 51  
ASN ND2 HD21 sing N N 52  
ASN ND2 HD22 sing N N 53  
ASN OXT HXT  sing N N 54  
ASP N   CA   sing N N 55  
ASP N   H    sing N N 56  
ASP N   H2   sing N N 57  
ASP CA  C    sing N N 58  
ASP CA  CB   sing N N 59  
ASP CA  HA   sing N N 60  
ASP C   O    doub N N 61  
ASP C   OXT  sing N N 62  
ASP CB  CG   sing N N 63  
ASP CB  HB2  sing N N 64  
ASP CB  HB3  sing N N 65  
ASP CG  OD1  doub N N 66  
ASP CG  OD2  sing N N 67  
ASP OD2 HD2  sing N N 68  
ASP OXT HXT  sing N N 69  
CYS N   CA   sing N N 70  
CYS N   H    sing N N 71  
CYS N   H2   sing N N 72  
CYS CA  C    sing N N 73  
CYS CA  CB   sing N N 74  
CYS CA  HA   sing N N 75  
CYS C   O    doub N N 76  
CYS C   OXT  sing N N 77  
CYS CB  SG   sing N N 78  
CYS CB  HB2  sing N N 79  
CYS CB  HB3  sing N N 80  
CYS SG  HG   sing N N 81  
CYS OXT HXT  sing N N 82  
GLN N   CA   sing N N 83  
GLN N   H    sing N N 84  
GLN N   H2   sing N N 85  
GLN CA  C    sing N N 86  
GLN CA  CB   sing N N 87  
GLN CA  HA   sing N N 88  
GLN C   O    doub N N 89  
GLN C   OXT  sing N N 90  
GLN CB  CG   sing N N 91  
GLN CB  HB2  sing N N 92  
GLN CB  HB3  sing N N 93  
GLN CG  CD   sing N N 94  
GLN CG  HG2  sing N N 95  
GLN CG  HG3  sing N N 96  
GLN CD  OE1  doub N N 97  
GLN CD  NE2  sing N N 98  
GLN NE2 HE21 sing N N 99  
GLN NE2 HE22 sing N N 100 
GLN OXT HXT  sing N N 101 
GLU N   CA   sing N N 102 
GLU N   H    sing N N 103 
GLU N   H2   sing N N 104 
GLU CA  C    sing N N 105 
GLU CA  CB   sing N N 106 
GLU CA  HA   sing N N 107 
GLU C   O    doub N N 108 
GLU C   OXT  sing N N 109 
GLU CB  CG   sing N N 110 
GLU CB  HB2  sing N N 111 
GLU CB  HB3  sing N N 112 
GLU CG  CD   sing N N 113 
GLU CG  HG2  sing N N 114 
GLU CG  HG3  sing N N 115 
GLU CD  OE1  doub N N 116 
GLU CD  OE2  sing N N 117 
GLU OE2 HE2  sing N N 118 
GLU OXT HXT  sing N N 119 
GLY N   CA   sing N N 120 
GLY N   H    sing N N 121 
GLY N   H2   sing N N 122 
GLY CA  C    sing N N 123 
GLY CA  HA2  sing N N 124 
GLY CA  HA3  sing N N 125 
GLY C   O    doub N N 126 
GLY C   OXT  sing N N 127 
GLY OXT HXT  sing N N 128 
HIS N   CA   sing N N 129 
HIS N   H    sing N N 130 
HIS N   H2   sing N N 131 
HIS CA  C    sing N N 132 
HIS CA  CB   sing N N 133 
HIS CA  HA   sing N N 134 
HIS C   O    doub N N 135 
HIS C   OXT  sing N N 136 
HIS CB  CG   sing N N 137 
HIS CB  HB2  sing N N 138 
HIS CB  HB3  sing N N 139 
HIS CG  ND1  sing Y N 140 
HIS CG  CD2  doub Y N 141 
HIS ND1 CE1  doub Y N 142 
HIS ND1 HD1  sing N N 143 
HIS CD2 NE2  sing Y N 144 
HIS CD2 HD2  sing N N 145 
HIS CE1 NE2  sing Y N 146 
HIS CE1 HE1  sing N N 147 
HIS NE2 HE2  sing N N 148 
HIS OXT HXT  sing N N 149 
HOH O   H1   sing N N 150 
HOH O   H2   sing N N 151 
ILE N   CA   sing N N 152 
ILE N   H    sing N N 153 
ILE N   H2   sing N N 154 
ILE CA  C    sing N N 155 
ILE CA  CB   sing N N 156 
ILE CA  HA   sing N N 157 
ILE C   O    doub N N 158 
ILE C   OXT  sing N N 159 
ILE CB  CG1  sing N N 160 
ILE CB  CG2  sing N N 161 
ILE CB  HB   sing N N 162 
ILE CG1 CD1  sing N N 163 
ILE CG1 HG12 sing N N 164 
ILE CG1 HG13 sing N N 165 
ILE CG2 HG21 sing N N 166 
ILE CG2 HG22 sing N N 167 
ILE CG2 HG23 sing N N 168 
ILE CD1 HD11 sing N N 169 
ILE CD1 HD12 sing N N 170 
ILE CD1 HD13 sing N N 171 
ILE OXT HXT  sing N N 172 
LEU N   CA   sing N N 173 
LEU N   H    sing N N 174 
LEU N   H2   sing N N 175 
LEU CA  C    sing N N 176 
LEU CA  CB   sing N N 177 
LEU CA  HA   sing N N 178 
LEU C   O    doub N N 179 
LEU C   OXT  sing N N 180 
LEU CB  CG   sing N N 181 
LEU CB  HB2  sing N N 182 
LEU CB  HB3  sing N N 183 
LEU CG  CD1  sing N N 184 
LEU CG  CD2  sing N N 185 
LEU CG  HG   sing N N 186 
LEU CD1 HD11 sing N N 187 
LEU CD1 HD12 sing N N 188 
LEU CD1 HD13 sing N N 189 
LEU CD2 HD21 sing N N 190 
LEU CD2 HD22 sing N N 191 
LEU CD2 HD23 sing N N 192 
LEU OXT HXT  sing N N 193 
LYS N   CA   sing N N 194 
LYS N   H    sing N N 195 
LYS N   H2   sing N N 196 
LYS CA  C    sing N N 197 
LYS CA  CB   sing N N 198 
LYS CA  HA   sing N N 199 
LYS C   O    doub N N 200 
LYS C   OXT  sing N N 201 
LYS CB  CG   sing N N 202 
LYS CB  HB2  sing N N 203 
LYS CB  HB3  sing N N 204 
LYS CG  CD   sing N N 205 
LYS CG  HG2  sing N N 206 
LYS CG  HG3  sing N N 207 
LYS CD  CE   sing N N 208 
LYS CD  HD2  sing N N 209 
LYS CD  HD3  sing N N 210 
LYS CE  NZ   sing N N 211 
LYS CE  HE2  sing N N 212 
LYS CE  HE3  sing N N 213 
LYS NZ  HZ1  sing N N 214 
LYS NZ  HZ2  sing N N 215 
LYS NZ  HZ3  sing N N 216 
LYS OXT HXT  sing N N 217 
PRO N   CA   sing N N 218 
PRO N   CD   sing N N 219 
PRO N   H    sing N N 220 
PRO CA  C    sing N N 221 
PRO CA  CB   sing N N 222 
PRO CA  HA   sing N N 223 
PRO C   O    doub N N 224 
PRO C   OXT  sing N N 225 
PRO CB  CG   sing N N 226 
PRO CB  HB2  sing N N 227 
PRO CB  HB3  sing N N 228 
PRO CG  CD   sing N N 229 
PRO CG  HG2  sing N N 230 
PRO CG  HG3  sing N N 231 
PRO CD  HD2  sing N N 232 
PRO CD  HD3  sing N N 233 
PRO OXT HXT  sing N N 234 
THR N   CA   sing N N 235 
THR N   H    sing N N 236 
THR N   H2   sing N N 237 
THR CA  C    sing N N 238 
THR CA  CB   sing N N 239 
THR CA  HA   sing N N 240 
THR C   O    doub N N 241 
THR C   OXT  sing N N 242 
THR CB  OG1  sing N N 243 
THR CB  CG2  sing N N 244 
THR CB  HB   sing N N 245 
THR OG1 HG1  sing N N 246 
THR CG2 HG21 sing N N 247 
THR CG2 HG22 sing N N 248 
THR CG2 HG23 sing N N 249 
THR OXT HXT  sing N N 250 
TRP N   CA   sing N N 251 
TRP N   H    sing N N 252 
TRP N   H2   sing N N 253 
TRP CA  C    sing N N 254 
TRP CA  CB   sing N N 255 
TRP CA  HA   sing N N 256 
TRP C   O    doub N N 257 
TRP C   OXT  sing N N 258 
TRP CB  CG   sing N N 259 
TRP CB  HB2  sing N N 260 
TRP CB  HB3  sing N N 261 
TRP CG  CD1  doub Y N 262 
TRP CG  CD2  sing Y N 263 
TRP CD1 NE1  sing Y N 264 
TRP CD1 HD1  sing N N 265 
TRP CD2 CE2  doub Y N 266 
TRP CD2 CE3  sing Y N 267 
TRP NE1 CE2  sing Y N 268 
TRP NE1 HE1  sing N N 269 
TRP CE2 CZ2  sing Y N 270 
TRP CE3 CZ3  doub Y N 271 
TRP CE3 HE3  sing N N 272 
TRP CZ2 CH2  doub Y N 273 
TRP CZ2 HZ2  sing N N 274 
TRP CZ3 CH2  sing Y N 275 
TRP CZ3 HZ3  sing N N 276 
TRP CH2 HH2  sing N N 277 
TRP OXT HXT  sing N N 278 
TYR N   CA   sing N N 279 
TYR N   H    sing N N 280 
TYR N   H2   sing N N 281 
TYR CA  C    sing N N 282 
TYR CA  CB   sing N N 283 
TYR CA  HA   sing N N 284 
TYR C   O    doub N N 285 
TYR C   OXT  sing N N 286 
TYR CB  CG   sing N N 287 
TYR CB  HB2  sing N N 288 
TYR CB  HB3  sing N N 289 
TYR CG  CD1  doub Y N 290 
TYR CG  CD2  sing Y N 291 
TYR CD1 CE1  sing Y N 292 
TYR CD1 HD1  sing N N 293 
TYR CD2 CE2  doub Y N 294 
TYR CD2 HD2  sing N N 295 
TYR CE1 CZ   doub Y N 296 
TYR CE1 HE1  sing N N 297 
TYR CE2 CZ   sing Y N 298 
TYR CE2 HE2  sing N N 299 
TYR CZ  OH   sing N N 300 
TYR OH  HH   sing N N 301 
TYR OXT HXT  sing N N 302 
VAL N   CA   sing N N 303 
VAL N   H    sing N N 304 
VAL N   H2   sing N N 305 
VAL CA  C    sing N N 306 
VAL CA  CB   sing N N 307 
VAL CA  HA   sing N N 308 
VAL C   O    doub N N 309 
VAL C   OXT  sing N N 310 
VAL CB  CG1  sing N N 311 
VAL CB  CG2  sing N N 312 
VAL CB  HB   sing N N 313 
VAL CG1 HG11 sing N N 314 
VAL CG1 HG12 sing N N 315 
VAL CG1 HG13 sing N N 316 
VAL CG2 HG21 sing N N 317 
VAL CG2 HG22 sing N N 318 
VAL CG2 HG23 sing N N 319 
VAL OXT HXT  sing N N 320 
# 
loop_
_pdbx_entity_nonpoly.entity_id 
_pdbx_entity_nonpoly.name 
_pdbx_entity_nonpoly.comp_id 
2 'SODIUM ION' NA  
3 water        HOH 
# 
_pdbx_initial_refinement_model.id               1 
_pdbx_initial_refinement_model.entity_id_list   ? 
_pdbx_initial_refinement_model.type             'experimental model' 
_pdbx_initial_refinement_model.source_name      PDB 
_pdbx_initial_refinement_model.accession_code   1MBE 
_pdbx_initial_refinement_model.details          'PDB ENTRY 1MBE' 
# 
